data_8GKN
#
_entry.id   8GKN
#
_cell.length_a   89.728
_cell.length_b   167.566
_cell.length_c   63.108
_cell.angle_alpha   90.000
_cell.angle_beta   90.000
_cell.angle_gamma   90.000
#
_symmetry.space_group_name_H-M   'P 21 21 2'
#
loop_
_entity.id
_entity.type
_entity.pdbx_description
1 polymer 'UDP-glycosyltransferase 202A2'
2 non-polymer "URIDINE-5'-DIPHOSPHATE"
3 non-polymer NARINGENIN
4 water water
#
_entity_poly.entity_id   1
_entity_poly.type   'polypeptide(L)'
_entity_poly.pdbx_seq_one_letter_code
;MNPETMNENGKSLKILFTALFGPGHLNACLGIGSLLRKRGHQIYFAHFPRHRATIEKHGFLFISLLDYAEPEFPIVDMLP
DIGIIAKFAFERMHKLTPLELFRHASGKHTFAGMVNGSKGENYAMMKIVKEYKPDVCLADYLFNMPWMFTVDCPVIPVKS
VNPIELYNGPPALTGCSIHDPPSVREEIEQLARKSELELESELEKLFAHFNVPLVSYNYAQQLGIYIYPGPLDYKELGSP
KENWVRLDSSIRSTEISNFELPEKLKDKPGKLIYVSMGSLASAVTELLTMILTPLANSPHRFIVSTGPNGDSIKLYDNMW
GDKFINQVALLPKVDLFITHGGSNSLIEGLTAGKPLIAIPQFGDQLDNAQRIADLGLGVRLNLHEFSGEKLLKAIEDVLN
DEKINANVARVSEELKKSDSKDKVISLIEKLARDKKL
;
_entity_poly.pdbx_strand_id   A,B
#
# COMPACT_ATOMS: atom_id res chain seq x y z
N LYS A 11 28.59 12.58 -22.50
CA LYS A 11 27.94 11.67 -23.49
C LYS A 11 27.12 10.62 -22.75
N SER A 12 25.81 10.57 -23.06
CA SER A 12 24.88 9.68 -22.39
C SER A 12 25.16 8.21 -22.70
N LEU A 13 25.23 7.42 -21.64
CA LEU A 13 25.19 5.98 -21.74
C LEU A 13 23.76 5.46 -21.53
N LYS A 14 23.47 4.32 -22.17
CA LYS A 14 22.26 3.55 -21.94
C LYS A 14 22.64 2.40 -21.01
N ILE A 15 22.01 2.39 -19.81
CA ILE A 15 22.34 1.45 -18.76
C ILE A 15 21.09 0.70 -18.36
N LEU A 16 21.15 -0.64 -18.36
CA LEU A 16 20.00 -1.46 -18.05
C LEU A 16 20.23 -2.20 -16.72
N PHE A 17 19.25 -2.13 -15.80
CA PHE A 17 19.32 -2.89 -14.57
C PHE A 17 18.32 -4.04 -14.61
N THR A 18 18.60 -5.10 -13.87
CA THR A 18 17.59 -6.10 -13.54
C THR A 18 17.98 -6.68 -12.19
N ALA A 19 17.08 -7.46 -11.58
CA ALA A 19 17.27 -8.04 -10.26
C ALA A 19 16.30 -9.20 -10.08
N LEU A 20 16.45 -10.01 -9.03
CA LEU A 20 15.42 -10.99 -8.78
C LEU A 20 14.23 -10.30 -8.11
N PHE A 21 13.15 -11.06 -7.87
CA PHE A 21 11.85 -10.53 -7.48
C PHE A 21 11.93 -9.74 -6.16
N GLY A 22 12.83 -10.16 -5.26
CA GLY A 22 13.01 -9.57 -3.93
C GLY A 22 13.01 -8.04 -3.96
N PRO A 23 12.09 -7.33 -3.28
CA PRO A 23 12.21 -5.88 -3.10
C PRO A 23 13.59 -5.42 -2.63
N GLY A 24 14.27 -6.25 -1.85
CA GLY A 24 15.61 -5.90 -1.34
C GLY A 24 16.64 -5.78 -2.44
N HIS A 25 16.67 -6.73 -3.37
CA HIS A 25 17.64 -6.71 -4.48
C HIS A 25 17.36 -5.53 -5.40
N LEU A 26 16.07 -5.24 -5.62
CA LEU A 26 15.68 -4.10 -6.47
C LEU A 26 16.05 -2.78 -5.77
N ASN A 27 15.93 -2.73 -4.44
CA ASN A 27 16.16 -1.47 -3.76
C ASN A 27 17.62 -1.09 -3.88
N ALA A 28 18.47 -2.10 -3.80
CA ALA A 28 19.89 -1.97 -4.00
C ALA A 28 20.24 -1.28 -5.33
N CYS A 29 19.70 -1.79 -6.43
CA CYS A 29 19.97 -1.26 -7.76
C CYS A 29 19.40 0.13 -7.99
N LEU A 30 18.29 0.48 -7.31
CA LEU A 30 17.67 1.78 -7.47
C LEU A 30 18.65 2.84 -6.97
N GLY A 31 19.33 2.51 -5.87
CA GLY A 31 20.36 3.38 -5.32
C GLY A 31 21.46 3.65 -6.34
N ILE A 32 21.97 2.58 -6.97
CA ILE A 32 23.00 2.71 -7.97
C ILE A 32 22.47 3.53 -9.13
N GLY A 33 21.27 3.21 -9.59
CA GLY A 33 20.73 3.90 -10.75
C GLY A 33 20.58 5.40 -10.53
N SER A 34 20.26 5.79 -9.28
CA SER A 34 20.05 7.18 -8.94
C SER A 34 21.35 7.95 -9.17
N LEU A 35 22.42 7.45 -8.54
CA LEU A 35 23.79 7.92 -8.71
C LEU A 35 24.16 8.11 -10.18
N LEU A 36 23.78 7.17 -11.05
CA LEU A 36 24.13 7.24 -12.46
C LEU A 36 23.23 8.21 -13.23
N ARG A 37 21.99 8.41 -12.78
CA ARG A 37 21.06 9.28 -13.50
C ARG A 37 21.52 10.72 -13.37
N LYS A 38 22.04 11.06 -12.18
CA LYS A 38 22.62 12.37 -11.91
C LYS A 38 23.76 12.68 -12.89
N ARG A 39 24.58 11.67 -13.23
CA ARG A 39 25.70 11.87 -14.16
C ARG A 39 25.22 11.98 -15.62
N GLY A 40 23.89 11.98 -15.86
CA GLY A 40 23.34 12.26 -17.18
C GLY A 40 22.96 11.03 -18.02
N HIS A 41 22.95 9.84 -17.42
CA HIS A 41 22.73 8.61 -18.18
C HIS A 41 21.24 8.28 -18.27
N GLN A 42 20.88 7.46 -19.27
CA GLN A 42 19.53 6.93 -19.46
C GLN A 42 19.41 5.56 -18.79
N ILE A 43 18.64 5.44 -17.71
CA ILE A 43 18.57 4.21 -16.96
C ILE A 43 17.30 3.43 -17.35
N TYR A 44 17.46 2.13 -17.63
CA TYR A 44 16.33 1.26 -17.86
C TYR A 44 16.34 0.16 -16.79
N PHE A 45 15.15 -0.24 -16.36
CA PHE A 45 15.02 -1.31 -15.38
C PHE A 45 14.06 -2.39 -15.87
N ALA A 46 14.57 -3.62 -15.96
CA ALA A 46 13.77 -4.76 -16.33
C ALA A 46 13.40 -5.53 -15.07
N HIS A 47 12.11 -5.47 -14.71
CA HIS A 47 11.63 -6.12 -13.50
C HIS A 47 10.14 -6.43 -13.67
N PHE A 48 9.41 -6.52 -12.56
CA PHE A 48 8.03 -6.97 -12.57
C PHE A 48 7.11 -5.79 -12.36
N PRO A 49 5.85 -5.86 -12.86
CA PRO A 49 4.91 -4.74 -12.76
C PRO A 49 4.59 -4.14 -11.37
N ARG A 50 4.65 -4.92 -10.29
CA ARG A 50 4.53 -4.39 -8.93
C ARG A 50 5.44 -3.18 -8.75
N HIS A 51 6.58 -3.16 -9.45
CA HIS A 51 7.62 -2.21 -9.15
C HIS A 51 7.72 -1.12 -10.22
N ARG A 52 6.78 -1.10 -11.16
CA ARG A 52 6.71 -0.01 -12.14
C ARG A 52 6.61 1.35 -11.45
N ALA A 53 5.80 1.48 -10.40
CA ALA A 53 5.59 2.80 -9.82
C ALA A 53 6.90 3.34 -9.27
N THR A 54 7.60 2.60 -8.39
CA THR A 54 8.83 3.14 -7.80
C THR A 54 9.92 3.38 -8.85
N ILE A 55 9.98 2.53 -9.87
CA ILE A 55 10.99 2.62 -10.90
C ILE A 55 10.79 3.91 -11.71
N GLU A 56 9.56 4.18 -12.15
CA GLU A 56 9.27 5.37 -12.96
C GLU A 56 9.37 6.62 -12.10
N LYS A 57 8.97 6.52 -10.84
CA LYS A 57 9.08 7.63 -9.90
C LYS A 57 10.54 8.10 -9.79
N HIS A 58 11.50 7.17 -9.87
CA HIS A 58 12.91 7.50 -9.81
C HIS A 58 13.41 7.99 -11.16
N GLY A 59 12.58 7.91 -12.19
CA GLY A 59 12.92 8.47 -13.49
C GLY A 59 13.64 7.47 -14.38
N PHE A 60 13.57 6.17 -14.03
CA PHE A 60 14.10 5.11 -14.88
C PHE A 60 12.99 4.62 -15.81
N LEU A 61 13.37 4.16 -17.01
CA LEU A 61 12.39 3.63 -17.93
C LEU A 61 12.12 2.18 -17.53
N PHE A 62 10.84 1.81 -17.43
CA PHE A 62 10.50 0.51 -16.90
C PHE A 62 10.24 -0.47 -18.04
N ILE A 63 10.88 -1.65 -17.96
CA ILE A 63 10.65 -2.73 -18.92
C ILE A 63 10.11 -3.94 -18.15
N SER A 64 8.95 -4.43 -18.50
CA SER A 64 8.40 -5.62 -17.87
C SER A 64 9.00 -6.89 -18.48
N LEU A 65 9.64 -7.70 -17.63
CA LEU A 65 10.12 -9.00 -18.02
C LEU A 65 8.99 -9.82 -18.65
N LEU A 66 7.74 -9.62 -18.25
CA LEU A 66 6.66 -10.52 -18.66
C LEU A 66 6.31 -10.33 -20.13
N ASP A 67 6.61 -9.16 -20.70
CA ASP A 67 6.33 -8.87 -22.09
C ASP A 67 7.32 -9.57 -23.01
N TYR A 68 8.36 -10.20 -22.44
CA TYR A 68 9.44 -10.77 -23.22
C TYR A 68 9.67 -12.24 -22.86
N ALA A 69 8.66 -12.89 -22.27
CA ALA A 69 8.73 -14.31 -21.95
C ALA A 69 8.67 -15.14 -23.24
N GLU A 70 9.40 -16.26 -23.26
CA GLU A 70 9.14 -17.30 -24.25
C GLU A 70 7.87 -18.05 -23.87
N PRO A 71 7.01 -18.41 -24.84
CA PRO A 71 5.72 -19.01 -24.52
C PRO A 71 5.91 -20.33 -23.76
N GLU A 72 6.98 -21.08 -24.10
CA GLU A 72 7.23 -22.40 -23.53
C GLU A 72 7.90 -22.28 -22.15
N PHE A 73 8.38 -21.09 -21.78
CA PHE A 73 9.12 -20.88 -20.54
C PHE A 73 8.62 -19.64 -19.82
N PRO A 74 7.45 -19.68 -19.15
CA PRO A 74 6.80 -18.47 -18.65
C PRO A 74 7.47 -18.00 -17.37
N ILE A 75 7.25 -16.71 -17.07
CA ILE A 75 7.89 -16.03 -15.95
C ILE A 75 6.82 -15.65 -14.93
N VAL A 76 7.16 -15.74 -13.64
CA VAL A 76 6.22 -15.41 -12.59
C VAL A 76 6.93 -14.57 -11.52
N ASP A 77 6.27 -13.47 -11.10
CA ASP A 77 6.65 -12.74 -9.89
C ASP A 77 6.38 -13.66 -8.71
N MET A 78 7.46 -14.10 -8.06
CA MET A 78 7.40 -15.11 -7.00
C MET A 78 6.86 -14.48 -5.72
N LEU A 79 6.91 -13.14 -5.62
CA LEU A 79 6.68 -12.45 -4.35
C LEU A 79 5.33 -12.84 -3.74
N PRO A 80 4.20 -12.79 -4.46
CA PRO A 80 2.92 -13.17 -3.87
C PRO A 80 2.76 -14.66 -3.56
N ASP A 81 3.62 -15.54 -4.07
CA ASP A 81 3.46 -16.97 -3.81
C ASP A 81 4.45 -17.47 -2.78
N ILE A 82 5.20 -16.54 -2.16
CA ILE A 82 6.43 -16.83 -1.45
C ILE A 82 6.14 -17.41 -0.07
N GLY A 83 4.88 -17.32 0.36
CA GLY A 83 4.49 -17.74 1.69
C GLY A 83 4.65 -19.24 1.87
N ILE A 84 4.47 -20.03 0.81
CA ILE A 84 4.64 -21.47 0.88
C ILE A 84 6.07 -21.76 1.34
N ILE A 85 7.03 -21.07 0.76
CA ILE A 85 8.44 -21.36 0.97
C ILE A 85 8.87 -20.77 2.31
N ALA A 86 8.41 -19.56 2.58
CA ALA A 86 8.74 -18.89 3.82
C ALA A 86 8.28 -19.70 5.03
N LYS A 87 7.06 -20.21 5.00
CA LYS A 87 6.49 -20.94 6.11
C LYS A 87 7.27 -22.25 6.38
N PHE A 88 7.85 -22.83 5.32
CA PHE A 88 8.65 -24.02 5.50
C PHE A 88 9.95 -23.69 6.24
N ALA A 89 10.66 -22.70 5.71
CA ALA A 89 11.89 -22.23 6.33
C ALA A 89 11.66 -21.87 7.81
N PHE A 90 10.51 -21.30 8.14
CA PHE A 90 10.22 -20.86 9.50
C PHE A 90 10.07 -22.04 10.46
N GLU A 91 9.32 -23.07 10.06
CA GLU A 91 9.13 -24.30 10.83
C GLU A 91 10.49 -24.94 11.13
N ARG A 92 11.36 -24.95 10.10
CA ARG A 92 12.64 -25.59 10.15
C ARG A 92 13.53 -24.81 11.10
N MET A 93 13.61 -23.48 10.90
CA MET A 93 14.51 -22.62 11.68
C MET A 93 14.07 -22.57 13.15
N HIS A 94 12.76 -22.72 13.38
CA HIS A 94 12.20 -22.63 14.71
C HIS A 94 12.53 -23.90 15.51
N LYS A 95 12.72 -25.03 14.82
CA LYS A 95 12.76 -26.33 15.46
C LYS A 95 14.18 -26.89 15.49
N LEU A 96 15.11 -26.33 14.71
CA LEU A 96 16.45 -26.90 14.55
C LEU A 96 17.51 -25.84 14.80
N THR A 97 18.65 -26.26 15.38
CA THR A 97 19.84 -25.41 15.40
C THR A 97 20.41 -25.30 13.98
N PRO A 98 21.23 -24.27 13.66
CA PRO A 98 21.80 -24.15 12.32
C PRO A 98 22.67 -25.32 11.87
N LEU A 99 23.24 -26.06 12.84
CA LEU A 99 23.96 -27.27 12.51
C LEU A 99 22.97 -28.35 12.09
N GLU A 100 22.00 -28.66 12.96
CA GLU A 100 20.94 -29.62 12.67
C GLU A 100 20.25 -29.29 11.34
N LEU A 101 20.07 -27.99 11.06
CA LEU A 101 19.42 -27.56 9.83
C LEU A 101 20.23 -27.99 8.61
N PHE A 102 21.55 -27.86 8.69
CA PHE A 102 22.45 -28.21 7.59
C PHE A 102 22.59 -29.73 7.47
N ARG A 103 22.52 -30.44 8.61
CA ARG A 103 22.46 -31.90 8.62
C ARG A 103 21.23 -32.39 7.85
N HIS A 104 20.04 -31.96 8.29
CA HIS A 104 18.77 -32.44 7.77
C HIS A 104 18.40 -31.69 6.50
N ALA A 105 19.40 -31.21 5.76
CA ALA A 105 19.14 -30.52 4.51
C ALA A 105 19.68 -31.35 3.35
N SER A 106 20.01 -32.63 3.61
CA SER A 106 20.70 -33.50 2.66
C SER A 106 21.83 -32.70 2.00
N GLY A 107 21.92 -32.73 0.67
CA GLY A 107 22.86 -31.87 -0.05
C GLY A 107 22.21 -30.62 -0.60
N LYS A 108 20.98 -30.28 -0.16
CA LYS A 108 20.20 -29.20 -0.75
C LYS A 108 20.81 -27.86 -0.34
N HIS A 109 21.12 -27.01 -1.33
CA HIS A 109 21.56 -25.64 -1.08
C HIS A 109 20.32 -24.80 -0.80
N THR A 110 20.50 -23.68 -0.09
CA THR A 110 19.33 -22.84 0.30
C THR A 110 18.58 -22.34 -0.92
N PHE A 111 19.25 -22.15 -2.07
CA PHE A 111 18.57 -21.57 -3.25
C PHE A 111 18.89 -22.36 -4.52
N ALA A 112 18.61 -23.67 -4.51
CA ALA A 112 18.86 -24.52 -5.70
C ALA A 112 17.60 -24.62 -6.57
N GLY A 113 16.44 -24.87 -5.95
CA GLY A 113 15.19 -24.94 -6.72
C GLY A 113 14.89 -23.66 -7.50
N MET A 114 15.49 -22.55 -7.03
CA MET A 114 15.43 -21.30 -7.76
C MET A 114 16.10 -21.43 -9.13
N VAL A 115 17.13 -22.30 -9.27
CA VAL A 115 17.92 -22.36 -10.49
C VAL A 115 17.15 -23.00 -11.64
N ASN A 116 16.59 -24.20 -11.43
CA ASN A 116 15.76 -24.84 -12.45
C ASN A 116 14.86 -23.81 -13.16
N GLY A 117 14.07 -23.07 -12.36
CA GLY A 117 13.03 -22.22 -12.90
C GLY A 117 13.51 -20.83 -13.33
N SER A 118 14.84 -20.65 -13.50
CA SER A 118 15.41 -19.38 -13.92
C SER A 118 15.39 -19.20 -15.44
N LYS A 119 15.06 -20.25 -16.18
CA LYS A 119 15.23 -20.23 -17.62
C LYS A 119 14.40 -19.12 -18.26
N GLY A 120 13.16 -18.91 -17.78
CA GLY A 120 12.31 -17.88 -18.33
C GLY A 120 12.96 -16.49 -18.25
N GLU A 121 13.39 -16.09 -17.06
CA GLU A 121 14.06 -14.81 -16.89
C GLU A 121 15.21 -14.70 -17.88
N ASN A 122 15.85 -15.83 -18.19
CA ASN A 122 17.06 -15.79 -18.99
C ASN A 122 16.76 -15.43 -20.45
N TYR A 123 15.83 -16.17 -21.05
CA TYR A 123 15.34 -15.89 -22.40
C TYR A 123 14.90 -14.44 -22.49
N ALA A 124 14.12 -14.00 -21.49
CA ALA A 124 13.61 -12.64 -21.49
C ALA A 124 14.74 -11.63 -21.60
N MET A 125 15.79 -11.82 -20.79
CA MET A 125 16.86 -10.85 -20.71
C MET A 125 17.67 -10.83 -22.01
N MET A 126 17.76 -11.97 -22.67
CA MET A 126 18.40 -12.04 -23.97
C MET A 126 17.67 -11.11 -24.95
N LYS A 127 16.33 -11.18 -25.01
CA LYS A 127 15.59 -10.41 -25.99
C LYS A 127 15.63 -8.91 -25.66
N ILE A 128 15.54 -8.58 -24.36
CA ILE A 128 15.49 -7.20 -23.87
C ILE A 128 16.82 -6.52 -24.21
N VAL A 129 17.94 -7.20 -23.94
CA VAL A 129 19.26 -6.64 -24.22
C VAL A 129 19.43 -6.46 -25.73
N LYS A 130 18.99 -7.43 -26.53
CA LYS A 130 18.98 -7.29 -27.98
C LYS A 130 18.20 -6.03 -28.40
N GLU A 131 16.98 -5.85 -27.89
CA GLU A 131 16.08 -4.81 -28.38
C GLU A 131 16.54 -3.41 -27.94
N TYR A 132 16.99 -3.24 -26.70
CA TYR A 132 17.30 -1.91 -26.16
C TYR A 132 18.74 -1.47 -26.43
N LYS A 133 19.58 -2.39 -26.93
CA LYS A 133 20.99 -2.17 -27.27
C LYS A 133 21.64 -1.26 -26.22
N PRO A 134 21.67 -1.69 -24.93
CA PRO A 134 22.34 -0.93 -23.88
C PRO A 134 23.86 -1.06 -23.94
N ASP A 135 24.53 -0.08 -23.33
CA ASP A 135 25.96 0.04 -23.32
C ASP A 135 26.54 -0.81 -22.19
N VAL A 136 25.79 -0.94 -21.09
CA VAL A 136 26.20 -1.78 -19.97
C VAL A 136 24.93 -2.30 -19.28
N CYS A 137 25.03 -3.47 -18.66
CA CYS A 137 23.95 -3.97 -17.84
C CYS A 137 24.48 -4.19 -16.44
N LEU A 138 23.59 -4.08 -15.44
CA LEU A 138 23.86 -4.54 -14.09
C LEU A 138 22.76 -5.49 -13.62
N ALA A 139 23.13 -6.49 -12.84
CA ALA A 139 22.23 -7.54 -12.41
C ALA A 139 22.45 -7.83 -10.93
N ASP A 140 21.42 -7.62 -10.07
CA ASP A 140 21.42 -8.10 -8.70
C ASP A 140 20.66 -9.45 -8.58
N TYR A 141 21.45 -10.53 -8.55
CA TYR A 141 20.99 -11.90 -8.62
C TYR A 141 21.74 -12.70 -7.54
N LEU A 142 21.18 -13.86 -7.18
CA LEU A 142 21.80 -14.71 -6.18
C LEU A 142 22.88 -15.57 -6.81
N PHE A 143 22.84 -15.68 -8.12
CA PHE A 143 23.82 -16.51 -8.83
C PHE A 143 23.89 -15.99 -10.26
N ASN A 144 25.01 -16.26 -10.94
CA ASN A 144 25.19 -15.68 -12.29
C ASN A 144 24.23 -16.39 -13.25
N MET A 145 23.97 -15.77 -14.38
CA MET A 145 22.96 -16.31 -15.32
C MET A 145 23.54 -16.31 -16.74
N PRO A 146 23.28 -17.38 -17.52
CA PRO A 146 23.85 -17.50 -18.86
C PRO A 146 23.78 -16.26 -19.76
N TRP A 147 22.71 -15.47 -19.68
CA TRP A 147 22.56 -14.34 -20.58
C TRP A 147 23.71 -13.34 -20.37
N MET A 148 24.30 -13.30 -19.18
CA MET A 148 25.31 -12.31 -18.82
C MET A 148 26.62 -12.54 -19.60
N PHE A 149 26.67 -13.68 -20.30
CA PHE A 149 27.84 -14.10 -21.04
C PHE A 149 27.48 -14.32 -22.51
N THR A 150 26.29 -13.89 -22.94
CA THR A 150 25.84 -14.09 -24.34
C THR A 150 25.49 -12.73 -24.94
N VAL A 151 25.27 -11.74 -24.08
CA VAL A 151 24.86 -10.38 -24.55
C VAL A 151 26.10 -9.65 -25.09
N ASP A 152 25.89 -8.75 -26.06
CA ASP A 152 27.02 -8.02 -26.70
C ASP A 152 27.71 -7.11 -25.69
N CYS A 153 26.95 -6.52 -24.78
CA CYS A 153 27.52 -5.52 -23.84
C CYS A 153 28.09 -6.18 -22.59
N PRO A 154 28.99 -5.51 -21.84
CA PRO A 154 29.42 -6.04 -20.56
C PRO A 154 28.35 -6.00 -19.48
N VAL A 155 28.55 -6.86 -18.48
CA VAL A 155 27.54 -7.14 -17.49
C VAL A 155 28.19 -7.20 -16.10
N ILE A 156 27.75 -6.32 -15.20
CA ILE A 156 28.28 -6.20 -13.86
C ILE A 156 27.32 -6.85 -12.87
N PRO A 157 27.65 -8.00 -12.27
CA PRO A 157 26.87 -8.51 -11.15
C PRO A 157 26.95 -7.50 -10.01
N VAL A 158 25.80 -7.28 -9.34
CA VAL A 158 25.69 -6.47 -8.16
C VAL A 158 25.28 -7.38 -7.03
N LYS A 159 25.82 -7.23 -5.84
CA LYS A 159 25.54 -8.18 -4.78
C LYS A 159 25.09 -7.40 -3.56
N SER A 160 23.89 -7.67 -3.04
CA SER A 160 23.42 -6.94 -1.87
C SER A 160 23.35 -7.88 -0.66
N VAL A 161 23.45 -9.19 -0.85
CA VAL A 161 23.58 -10.12 0.26
C VAL A 161 24.93 -9.91 0.95
N ASN A 162 25.02 -10.34 2.22
CA ASN A 162 26.25 -10.45 2.96
C ASN A 162 27.35 -10.99 2.06
N PRO A 163 28.48 -10.27 1.90
CA PRO A 163 29.56 -10.68 1.01
C PRO A 163 30.63 -11.62 1.56
N ILE A 164 30.38 -12.31 2.68
CA ILE A 164 31.33 -13.27 3.22
C ILE A 164 31.59 -14.36 2.18
N GLU A 165 30.63 -14.59 1.30
CA GLU A 165 30.79 -15.54 0.19
C GLU A 165 31.85 -15.10 -0.80
N LEU A 166 32.33 -13.84 -0.74
CA LEU A 166 33.32 -13.35 -1.70
C LEU A 166 34.73 -13.62 -1.20
N TYR A 167 34.84 -14.21 -0.02
CA TYR A 167 36.14 -14.41 0.59
C TYR A 167 36.32 -15.90 0.88
N ASN A 168 37.55 -16.28 1.25
CA ASN A 168 37.87 -17.61 1.71
C ASN A 168 37.92 -17.61 3.22
N GLY A 169 36.89 -18.17 3.84
CA GLY A 169 36.67 -18.02 5.26
C GLY A 169 35.54 -18.94 5.69
N PRO A 170 34.88 -18.67 6.82
CA PRO A 170 33.61 -19.34 7.10
C PRO A 170 32.82 -19.42 5.80
N PRO A 171 32.15 -20.54 5.50
CA PRO A 171 31.27 -20.61 4.33
C PRO A 171 30.07 -19.71 4.57
N ALA A 172 29.48 -19.22 3.49
CA ALA A 172 28.32 -18.37 3.59
C ALA A 172 27.11 -19.13 4.14
N LEU A 173 26.09 -18.37 4.58
CA LEU A 173 24.76 -18.87 4.88
C LEU A 173 24.73 -19.78 6.12
N THR A 174 25.83 -19.79 6.91
CA THR A 174 25.91 -20.57 8.13
C THR A 174 25.84 -19.70 9.38
N GLY A 175 26.26 -18.44 9.27
CA GLY A 175 26.28 -17.56 10.42
C GLY A 175 27.27 -18.01 11.49
N CYS A 176 28.45 -18.46 11.06
CA CYS A 176 29.55 -18.75 11.96
C CYS A 176 30.09 -17.46 12.55
N SER A 177 30.56 -17.54 13.80
CA SER A 177 31.13 -16.41 14.52
C SER A 177 32.65 -16.38 14.30
N ILE A 178 33.27 -15.26 14.65
CA ILE A 178 34.73 -15.14 14.72
C ILE A 178 35.24 -15.75 16.03
N HIS A 179 34.35 -15.96 17.00
CA HIS A 179 34.66 -16.58 18.28
C HIS A 179 34.49 -18.11 18.22
N ASP A 180 33.69 -18.60 17.27
CA ASP A 180 33.49 -20.02 17.07
C ASP A 180 34.81 -20.78 17.21
N PRO A 181 34.95 -21.74 18.16
CA PRO A 181 36.15 -22.59 18.24
C PRO A 181 36.42 -23.37 16.95
N PRO A 182 37.63 -23.96 16.79
CA PRO A 182 37.92 -24.86 15.67
C PRO A 182 36.92 -26.01 15.47
N SER A 183 36.42 -26.58 16.58
CA SER A 183 35.71 -27.85 16.56
C SER A 183 34.27 -27.69 16.06
N VAL A 184 33.60 -26.59 16.45
CA VAL A 184 32.19 -26.41 16.13
C VAL A 184 32.04 -25.93 14.68
N ARG A 185 33.02 -25.21 14.14
CA ARG A 185 32.85 -24.81 12.73
C ARG A 185 33.15 -25.99 11.81
N GLU A 186 34.16 -26.80 12.13
CA GLU A 186 34.56 -27.91 11.28
C GLU A 186 33.37 -28.60 10.63
N GLU A 187 32.37 -28.99 11.43
CA GLU A 187 31.30 -29.85 10.97
C GLU A 187 30.38 -29.09 10.00
N ILE A 188 30.15 -27.80 10.28
CA ILE A 188 29.29 -26.97 9.45
C ILE A 188 29.92 -26.72 8.07
N GLU A 189 31.25 -26.61 8.02
CA GLU A 189 31.93 -26.28 6.74
C GLU A 189 31.88 -27.48 5.80
N GLN A 190 31.96 -28.69 6.34
CA GLN A 190 31.84 -29.89 5.52
C GLN A 190 30.49 -29.91 4.80
N LEU A 191 29.42 -29.76 5.59
CA LEU A 191 28.05 -29.76 5.07
C LEU A 191 27.84 -28.65 4.04
N ALA A 192 28.52 -27.51 4.24
CA ALA A 192 28.39 -26.34 3.37
C ALA A 192 29.21 -26.48 2.09
N ARG A 193 30.41 -27.05 2.16
CA ARG A 193 31.17 -27.39 0.97
C ARG A 193 30.32 -28.30 0.10
N LYS A 194 29.66 -29.27 0.71
CA LYS A 194 28.83 -30.25 0.01
C LYS A 194 27.71 -29.56 -0.75
N SER A 195 26.99 -28.68 -0.06
CA SER A 195 25.83 -28.03 -0.63
C SER A 195 26.23 -27.04 -1.73
N GLU A 196 27.45 -26.48 -1.64
CA GLU A 196 27.96 -25.60 -2.68
C GLU A 196 28.16 -26.41 -3.96
N LEU A 197 28.48 -27.71 -3.84
CA LEU A 197 28.71 -28.55 -5.00
C LEU A 197 27.39 -28.90 -5.67
N GLU A 198 26.34 -29.03 -4.85
CA GLU A 198 25.01 -29.26 -5.38
C GLU A 198 24.51 -28.06 -6.20
N LEU A 199 24.86 -26.83 -5.78
CA LEU A 199 24.49 -25.62 -6.50
C LEU A 199 25.20 -25.58 -7.85
N GLU A 200 26.52 -25.88 -7.83
CA GLU A 200 27.37 -25.89 -9.02
C GLU A 200 26.79 -26.84 -10.08
N SER A 201 26.23 -27.96 -9.64
CA SER A 201 25.73 -28.96 -10.56
C SER A 201 24.39 -28.52 -11.15
N GLU A 202 23.57 -27.84 -10.32
CA GLU A 202 22.32 -27.24 -10.77
C GLU A 202 22.55 -26.16 -11.83
N LEU A 203 23.52 -25.27 -11.58
CA LEU A 203 23.84 -24.25 -12.57
C LEU A 203 24.35 -24.86 -13.88
N GLU A 204 25.11 -25.96 -13.80
CA GLU A 204 25.61 -26.58 -15.01
C GLU A 204 24.44 -26.86 -15.97
N LYS A 205 23.36 -27.44 -15.46
CA LYS A 205 22.18 -27.73 -16.28
C LYS A 205 21.60 -26.45 -16.90
N LEU A 206 21.57 -25.39 -16.10
CA LEU A 206 21.03 -24.12 -16.57
C LEU A 206 21.90 -23.57 -17.70
N PHE A 207 23.21 -23.54 -17.48
CA PHE A 207 24.15 -23.05 -18.48
C PHE A 207 24.17 -23.98 -19.69
N ALA A 208 24.13 -25.28 -19.45
CA ALA A 208 24.11 -26.25 -20.54
C ALA A 208 22.96 -25.95 -21.50
N HIS A 209 21.78 -25.66 -20.91
CA HIS A 209 20.56 -25.46 -21.67
C HIS A 209 20.73 -24.34 -22.68
N PHE A 210 21.55 -23.33 -22.35
CA PHE A 210 21.77 -22.18 -23.21
C PHE A 210 23.13 -22.21 -23.88
N ASN A 211 23.87 -23.33 -23.76
CA ASN A 211 25.15 -23.53 -24.43
C ASN A 211 26.14 -22.42 -24.07
N VAL A 212 26.34 -22.23 -22.77
CA VAL A 212 27.25 -21.20 -22.30
C VAL A 212 28.24 -21.88 -21.37
N PRO A 213 29.57 -21.68 -21.51
CA PRO A 213 30.51 -22.22 -20.53
C PRO A 213 30.08 -21.82 -19.13
N LEU A 214 29.88 -22.83 -18.28
CA LEU A 214 29.64 -22.60 -16.86
C LEU A 214 30.73 -21.68 -16.31
N VAL A 215 30.34 -20.83 -15.36
CA VAL A 215 31.25 -20.00 -14.61
C VAL A 215 30.86 -20.21 -13.15
N SER A 216 31.70 -19.72 -12.25
CA SER A 216 31.40 -19.76 -10.84
C SER A 216 30.15 -18.90 -10.58
N TYR A 217 29.47 -19.21 -9.47
CA TYR A 217 28.15 -18.67 -9.23
C TYR A 217 28.26 -17.17 -8.95
N ASN A 218 29.41 -16.73 -8.41
CA ASN A 218 29.66 -15.33 -8.09
C ASN A 218 30.93 -14.80 -8.76
N TYR A 219 31.18 -15.23 -9.99
CA TYR A 219 32.26 -14.71 -10.80
C TYR A 219 31.90 -13.33 -11.34
N ALA A 220 32.87 -12.43 -11.26
CA ALA A 220 32.81 -11.14 -11.93
C ALA A 220 33.86 -11.14 -13.04
N GLN A 221 33.40 -11.17 -14.29
CA GLN A 221 34.27 -11.22 -15.45
C GLN A 221 35.19 -10.00 -15.50
N GLN A 222 34.64 -8.81 -15.32
CA GLN A 222 35.39 -7.56 -15.41
C GLN A 222 35.17 -6.67 -14.18
N LEU A 223 33.91 -6.53 -13.75
CA LEU A 223 33.61 -5.71 -12.60
C LEU A 223 32.42 -6.27 -11.87
N GLY A 224 32.56 -6.40 -10.55
CA GLY A 224 31.46 -6.74 -9.66
C GLY A 224 31.33 -5.66 -8.60
N ILE A 225 30.09 -5.34 -8.23
CA ILE A 225 29.89 -4.36 -7.18
C ILE A 225 29.14 -5.04 -6.06
N TYR A 226 29.72 -5.04 -4.86
CA TYR A 226 28.97 -5.49 -3.70
C TYR A 226 28.74 -4.32 -2.74
N ILE A 227 27.50 -4.22 -2.24
CA ILE A 227 27.14 -3.19 -1.28
C ILE A 227 27.23 -3.74 0.12
N TYR A 228 28.02 -3.11 0.97
CA TYR A 228 28.10 -3.49 2.36
C TYR A 228 28.96 -2.44 3.08
N PRO A 229 28.69 -2.11 4.36
CA PRO A 229 29.41 -1.04 5.02
C PRO A 229 30.87 -1.42 5.20
N GLY A 230 31.77 -0.51 4.80
CA GLY A 230 33.20 -0.74 4.91
C GLY A 230 33.58 -1.21 6.31
N PRO A 231 33.09 -0.54 7.37
CA PRO A 231 33.41 -0.95 8.74
C PRO A 231 32.96 -2.36 9.12
N LEU A 232 31.99 -2.93 8.40
CA LEU A 232 31.55 -4.31 8.61
C LEU A 232 32.20 -5.28 7.64
N ASP A 233 32.91 -4.79 6.62
CA ASP A 233 33.42 -5.68 5.60
C ASP A 233 34.47 -6.60 6.23
N TYR A 234 34.77 -7.70 5.55
CA TYR A 234 35.55 -8.78 6.12
C TYR A 234 37.04 -8.53 5.88
N LYS A 235 37.60 -7.48 6.50
CA LYS A 235 39.00 -7.14 6.29
C LYS A 235 39.93 -8.22 6.85
N GLU A 236 39.47 -8.94 7.87
CA GLU A 236 40.23 -9.97 8.55
C GLU A 236 40.40 -11.25 7.71
N LEU A 237 39.62 -11.39 6.63
CA LEU A 237 39.73 -12.54 5.74
C LEU A 237 40.54 -12.17 4.50
N GLY A 238 41.01 -10.94 4.47
CA GLY A 238 41.79 -10.52 3.30
C GLY A 238 41.00 -9.69 2.32
N SER A 239 41.33 -9.82 1.04
CA SER A 239 40.67 -9.00 0.00
C SER A 239 39.56 -9.81 -0.65
N PRO A 240 38.49 -9.16 -1.13
CA PRO A 240 37.42 -9.87 -1.81
C PRO A 240 37.93 -10.53 -3.08
N LYS A 241 37.08 -11.31 -3.73
CA LYS A 241 37.46 -11.99 -4.98
C LYS A 241 37.70 -10.98 -6.09
N GLU A 242 38.19 -11.45 -7.22
CA GLU A 242 38.61 -10.51 -8.29
C GLU A 242 37.52 -9.69 -8.96
N ASN A 243 37.84 -8.46 -9.33
CA ASN A 243 36.91 -7.59 -10.08
C ASN A 243 35.78 -7.11 -9.17
N TRP A 244 35.87 -7.42 -7.88
CA TRP A 244 34.77 -7.10 -6.94
C TRP A 244 35.11 -5.83 -6.14
N VAL A 245 34.31 -4.78 -6.32
CA VAL A 245 34.52 -3.50 -5.67
C VAL A 245 33.40 -3.28 -4.67
N ARG A 246 33.64 -2.50 -3.64
CA ARG A 246 32.66 -2.23 -2.60
C ARG A 246 32.07 -0.84 -2.74
N LEU A 247 30.76 -0.78 -2.52
CA LEU A 247 29.97 0.44 -2.29
C LEU A 247 29.42 0.35 -0.87
N ASP A 248 29.65 1.35 -0.04
CA ASP A 248 29.43 1.18 1.39
C ASP A 248 27.94 1.04 1.66
N SER A 249 27.10 1.83 0.95
CA SER A 249 25.65 1.78 1.03
C SER A 249 25.03 2.19 -0.31
N SER A 250 23.76 1.82 -0.49
CA SER A 250 23.05 2.11 -1.73
C SER A 250 21.58 2.23 -1.42
N ILE A 251 21.24 3.32 -0.72
CA ILE A 251 19.84 3.54 -0.26
C ILE A 251 19.17 4.56 -1.17
N ARG A 252 18.00 4.20 -1.69
CA ARG A 252 17.20 5.13 -2.52
C ARG A 252 16.78 6.32 -1.66
N SER A 253 16.53 7.46 -2.28
CA SER A 253 16.02 8.62 -1.51
C SER A 253 14.53 8.42 -1.21
N THR A 254 14.06 8.95 -0.09
CA THR A 254 12.63 8.82 0.30
C THR A 254 11.86 10.09 -0.07
N GLU A 255 10.69 9.94 -0.67
CA GLU A 255 9.85 11.13 -0.97
C GLU A 255 9.42 11.76 0.37
N ILE A 256 9.01 10.94 1.33
CA ILE A 256 8.63 11.46 2.69
C ILE A 256 9.92 11.80 3.45
N SER A 257 9.89 12.89 4.19
CA SER A 257 11.06 13.29 5.00
C SER A 257 10.69 13.20 6.48
N ASN A 258 9.49 13.65 6.84
CA ASN A 258 9.06 13.49 8.24
C ASN A 258 8.09 12.33 8.36
N PHE A 259 8.41 11.36 9.21
CA PHE A 259 7.45 10.28 9.50
C PHE A 259 6.68 10.76 10.73
N GLU A 260 5.40 11.05 10.54
CA GLU A 260 4.58 11.42 11.70
C GLU A 260 4.23 10.16 12.49
N LEU A 261 4.42 10.25 13.81
CA LEU A 261 4.10 9.16 14.70
C LEU A 261 2.59 9.04 14.85
N PRO A 262 2.05 7.82 15.02
CA PRO A 262 0.62 7.65 15.20
C PRO A 262 0.15 8.15 16.57
N GLU A 263 -1.03 8.74 16.64
CA GLU A 263 -1.56 9.27 17.90
C GLU A 263 -1.77 8.16 18.92
N LYS A 264 -1.95 6.92 18.47
CA LYS A 264 -2.15 5.81 19.38
C LYS A 264 -0.98 5.72 20.35
N LEU A 265 0.23 6.06 19.90
CA LEU A 265 1.43 5.90 20.68
C LEU A 265 1.82 7.18 21.42
N LYS A 266 1.15 8.30 21.15
CA LYS A 266 1.44 9.54 21.91
C LYS A 266 1.07 9.31 23.38
N ASP A 267 1.91 9.79 24.31
CA ASP A 267 1.58 9.67 25.76
C ASP A 267 1.68 8.22 26.22
N LYS A 268 2.60 7.44 25.65
CA LYS A 268 2.80 6.04 26.13
C LYS A 268 4.26 5.95 26.58
N PRO A 269 4.59 5.20 27.66
CA PRO A 269 5.97 5.20 28.17
C PRO A 269 6.98 4.54 27.22
N GLY A 270 8.24 4.96 27.42
CA GLY A 270 9.39 4.24 26.96
C GLY A 270 9.89 4.74 25.61
N LYS A 271 10.90 4.04 25.12
CA LYS A 271 11.56 4.33 23.85
C LYS A 271 10.69 3.90 22.68
N LEU A 272 11.13 4.29 21.49
CA LEU A 272 10.45 3.91 20.28
C LEU A 272 11.29 2.87 19.54
N ILE A 273 10.65 1.78 19.12
CA ILE A 273 11.33 0.61 18.60
C ILE A 273 10.62 0.18 17.33
N TYR A 274 11.37 -0.04 16.24
CA TYR A 274 10.80 -0.48 14.99
C TYR A 274 10.97 -1.99 14.85
N VAL A 275 9.95 -2.71 14.35
CA VAL A 275 10.00 -4.14 14.10
C VAL A 275 9.68 -4.48 12.65
N SER A 276 10.60 -5.17 11.95
CA SER A 276 10.33 -5.63 10.59
C SER A 276 11.09 -6.90 10.32
N MET A 277 10.40 -7.88 9.75
CA MET A 277 11.00 -9.16 9.37
C MET A 277 11.19 -9.18 7.86
N GLY A 278 11.07 -8.01 7.24
CA GLY A 278 11.48 -7.79 5.85
C GLY A 278 10.32 -7.87 4.87
N SER A 279 10.64 -7.86 3.58
CA SER A 279 9.63 -8.00 2.53
C SER A 279 9.21 -9.46 2.31
N LEU A 280 9.98 -10.46 2.74
CA LEU A 280 9.71 -11.84 2.32
C LEU A 280 9.19 -12.68 3.49
N ALA A 281 9.94 -12.74 4.60
CA ALA A 281 9.57 -13.58 5.75
C ALA A 281 8.32 -13.08 6.47
N SER A 282 7.99 -11.80 6.32
CA SER A 282 6.83 -11.20 6.96
C SER A 282 5.54 -11.80 6.43
N ALA A 283 5.61 -12.56 5.34
CA ALA A 283 4.44 -13.32 4.88
C ALA A 283 3.98 -14.36 5.91
N VAL A 284 4.88 -14.83 6.76
CA VAL A 284 4.57 -15.88 7.73
C VAL A 284 3.97 -15.25 8.97
N THR A 285 2.67 -15.45 9.23
CA THR A 285 2.05 -14.72 10.33
C THR A 285 2.47 -15.33 11.67
N GLU A 286 2.87 -16.60 11.67
CA GLU A 286 3.29 -17.29 12.90
C GLU A 286 4.54 -16.58 13.44
N LEU A 287 5.43 -16.14 12.55
CA LEU A 287 6.66 -15.50 12.96
C LEU A 287 6.37 -14.15 13.62
N LEU A 288 5.52 -13.33 13.01
CA LEU A 288 5.25 -12.04 13.60
C LEU A 288 4.51 -12.17 14.93
N THR A 289 3.57 -13.11 15.00
CA THR A 289 2.76 -13.33 16.18
C THR A 289 3.69 -13.74 17.34
N MET A 290 4.66 -14.59 17.03
CA MET A 290 5.58 -15.14 18.00
C MET A 290 6.41 -14.03 18.64
N ILE A 291 6.78 -13.04 17.83
CA ILE A 291 7.56 -11.88 18.27
C ILE A 291 6.70 -10.87 19.03
N LEU A 292 5.52 -10.54 18.54
CA LEU A 292 4.77 -9.41 19.07
C LEU A 292 4.06 -9.77 20.37
N THR A 293 3.59 -11.00 20.50
CA THR A 293 2.86 -11.41 21.70
C THR A 293 3.61 -11.02 22.98
N PRO A 294 4.89 -11.43 23.19
CA PRO A 294 5.64 -10.97 24.35
C PRO A 294 5.87 -9.45 24.46
N LEU A 295 6.03 -8.76 23.32
CA LEU A 295 6.30 -7.34 23.32
C LEU A 295 5.13 -6.51 23.86
N ALA A 296 3.94 -7.08 23.93
CA ALA A 296 2.83 -6.38 24.56
C ALA A 296 3.19 -5.89 25.97
N ASN A 297 4.10 -6.62 26.65
CA ASN A 297 4.40 -6.34 28.05
C ASN A 297 5.67 -5.51 28.17
N SER A 298 6.35 -5.27 27.05
CA SER A 298 7.56 -4.44 27.01
C SER A 298 7.18 -2.98 27.22
N PRO A 299 7.84 -2.25 28.15
CA PRO A 299 7.40 -0.91 28.50
C PRO A 299 7.90 0.14 27.51
N HIS A 300 7.60 -0.08 26.23
CA HIS A 300 8.09 0.75 25.15
C HIS A 300 7.00 0.91 24.09
N ARG A 301 7.30 1.69 23.07
CA ARG A 301 6.38 1.91 21.98
C ARG A 301 6.94 1.23 20.74
N PHE A 302 6.11 0.47 20.03
CA PHE A 302 6.54 -0.29 18.87
C PHE A 302 5.83 0.19 17.62
N ILE A 303 6.57 0.36 16.54
CA ILE A 303 6.02 0.49 15.20
C ILE A 303 6.41 -0.74 14.40
N VAL A 304 5.46 -1.30 13.67
CA VAL A 304 5.61 -2.65 13.16
C VAL A 304 5.22 -2.67 11.69
N SER A 305 6.14 -3.16 10.87
CA SER A 305 5.78 -3.59 9.53
C SER A 305 5.12 -4.97 9.61
N THR A 306 3.85 -5.09 9.22
CA THR A 306 3.08 -6.28 9.51
C THR A 306 3.07 -7.24 8.32
N GLY A 307 3.52 -6.77 7.15
CA GLY A 307 3.68 -7.64 5.99
C GLY A 307 2.39 -7.84 5.20
N PRO A 308 2.47 -8.56 4.07
CA PRO A 308 1.31 -8.76 3.20
C PRO A 308 0.08 -9.37 3.87
N ASN A 309 0.28 -10.18 4.91
CA ASN A 309 -0.85 -10.79 5.59
C ASN A 309 -1.09 -10.12 6.93
N GLY A 310 -0.68 -8.86 7.05
CA GLY A 310 -0.66 -8.15 8.31
C GLY A 310 -2.05 -7.81 8.86
N ASP A 311 -3.06 -7.75 8.01
CA ASP A 311 -4.39 -7.41 8.50
C ASP A 311 -4.89 -8.54 9.41
N SER A 312 -4.27 -9.71 9.36
CA SER A 312 -4.66 -10.76 10.30
C SER A 312 -3.65 -10.93 11.44
N ILE A 313 -2.91 -9.86 11.78
CA ILE A 313 -2.00 -9.94 12.92
C ILE A 313 -2.47 -9.02 14.04
N LYS A 314 -2.53 -9.58 15.25
CA LYS A 314 -3.01 -8.84 16.41
C LYS A 314 -1.92 -7.87 16.88
N LEU A 315 -2.33 -6.62 17.16
CA LEU A 315 -1.49 -5.58 17.75
C LEU A 315 -1.99 -5.18 19.13
N TYR A 316 -1.13 -4.81 20.06
CA TYR A 316 -1.55 -4.45 21.40
C TYR A 316 -1.46 -2.94 21.61
N ASP A 317 -1.71 -2.47 22.86
CA ASP A 317 -1.87 -1.06 23.17
C ASP A 317 -0.60 -0.25 22.91
N ASN A 318 0.58 -0.87 23.03
CA ASN A 318 1.82 -0.15 22.87
C ASN A 318 2.38 -0.29 21.45
N MET A 319 1.54 -0.62 20.47
CA MET A 319 2.00 -0.93 19.13
C MET A 319 1.12 -0.26 18.10
N TRP A 320 1.72 0.10 16.98
CA TRP A 320 0.98 0.50 15.80
C TRP A 320 1.71 -0.07 14.60
N GLY A 321 0.98 -0.41 13.55
CA GLY A 321 1.62 -0.98 12.38
C GLY A 321 0.75 -0.92 11.15
N ASP A 322 1.38 -1.21 10.01
CA ASP A 322 0.70 -1.32 8.73
C ASP A 322 1.53 -2.26 7.87
N LYS A 323 0.96 -2.72 6.77
CA LYS A 323 1.55 -3.77 5.96
C LYS A 323 2.93 -3.34 5.46
N PHE A 324 3.04 -2.06 5.07
CA PHE A 324 4.26 -1.45 4.56
C PHE A 324 4.48 -0.09 5.24
N ILE A 325 5.74 0.16 5.63
CA ILE A 325 6.12 1.39 6.36
C ILE A 325 7.23 2.11 5.59
N ASN A 326 7.37 3.42 5.77
CA ASN A 326 8.53 4.15 5.19
C ASN A 326 9.67 3.97 6.18
N GLN A 327 10.50 2.95 5.96
CA GLN A 327 11.58 2.59 6.90
C GLN A 327 12.68 3.65 6.91
N VAL A 328 13.02 4.21 5.76
CA VAL A 328 14.14 5.18 5.68
C VAL A 328 13.72 6.48 6.37
N ALA A 329 12.46 6.84 6.29
CA ALA A 329 11.95 8.06 6.98
C ALA A 329 11.78 7.79 8.47
N LEU A 330 11.42 6.57 8.82
CA LEU A 330 11.16 6.31 10.23
C LEU A 330 12.44 6.08 11.05
N LEU A 331 13.45 5.41 10.48
CA LEU A 331 14.56 4.94 11.29
C LEU A 331 15.19 6.05 12.11
N PRO A 332 15.47 7.23 11.56
CA PRO A 332 15.98 8.34 12.38
C PRO A 332 15.21 8.61 13.69
N LYS A 333 13.91 8.34 13.75
CA LYS A 333 13.14 8.61 14.94
C LYS A 333 13.16 7.48 15.98
N VAL A 334 13.72 6.31 15.70
CA VAL A 334 13.64 5.22 16.66
C VAL A 334 14.93 5.11 17.49
N ASP A 335 14.87 4.30 18.55
CA ASP A 335 15.95 4.05 19.47
C ASP A 335 16.56 2.65 19.26
N LEU A 336 15.80 1.78 18.57
CA LEU A 336 16.19 0.39 18.41
C LEU A 336 15.43 -0.19 17.22
N PHE A 337 16.03 -1.18 16.58
CA PHE A 337 15.46 -1.77 15.38
C PHE A 337 15.57 -3.29 15.53
N ILE A 338 14.44 -3.97 15.70
CA ILE A 338 14.38 -5.42 15.70
C ILE A 338 14.13 -5.88 14.27
N THR A 339 15.11 -6.55 13.67
CA THR A 339 15.14 -6.83 12.24
C THR A 339 15.36 -8.33 12.01
N HIS A 340 15.20 -8.78 10.77
CA HIS A 340 15.49 -10.15 10.40
C HIS A 340 16.94 -10.33 9.96
N GLY A 341 17.68 -9.24 9.85
CA GLY A 341 19.08 -9.29 9.47
C GLY A 341 19.27 -9.15 7.96
N GLY A 342 18.22 -8.74 7.24
CA GLY A 342 18.40 -8.43 5.84
C GLY A 342 19.43 -7.31 5.65
N SER A 343 20.14 -7.33 4.51
CA SER A 343 21.24 -6.42 4.27
C SER A 343 20.78 -4.97 4.19
N ASN A 344 19.73 -4.70 3.42
CA ASN A 344 19.28 -3.33 3.23
C ASN A 344 18.81 -2.73 4.54
N SER A 345 18.16 -3.55 5.35
CA SER A 345 17.66 -3.09 6.62
C SER A 345 18.85 -2.82 7.54
N LEU A 346 19.84 -3.68 7.48
CA LEU A 346 21.07 -3.54 8.24
C LEU A 346 21.74 -2.20 7.91
N ILE A 347 21.82 -1.86 6.62
CA ILE A 347 22.57 -0.69 6.23
C ILE A 347 21.76 0.57 6.49
N GLU A 348 20.45 0.54 6.22
CA GLU A 348 19.60 1.68 6.58
C GLU A 348 19.64 1.91 8.08
N GLY A 349 19.61 0.83 8.85
CA GLY A 349 19.60 0.94 10.30
C GLY A 349 20.86 1.57 10.84
N LEU A 350 22.02 1.12 10.34
CA LEU A 350 23.32 1.59 10.81
C LEU A 350 23.60 3.02 10.32
N THR A 351 23.18 3.30 9.09
CA THR A 351 23.28 4.65 8.56
C THR A 351 22.57 5.60 9.51
N ALA A 352 21.37 5.22 9.99
CA ALA A 352 20.57 6.08 10.84
C ALA A 352 21.12 6.09 12.26
N GLY A 353 22.00 5.14 12.58
CA GLY A 353 22.71 5.17 13.83
C GLY A 353 22.00 4.37 14.92
N LYS A 354 21.30 3.30 14.54
CA LYS A 354 20.46 2.62 15.48
C LYS A 354 20.97 1.21 15.72
N PRO A 355 21.05 0.75 16.97
CA PRO A 355 21.44 -0.62 17.25
C PRO A 355 20.35 -1.61 16.83
N LEU A 356 20.73 -2.88 16.66
CA LEU A 356 19.89 -3.90 16.05
C LEU A 356 19.77 -5.10 16.97
N ILE A 357 18.57 -5.65 17.03
CA ILE A 357 18.40 -7.02 17.47
C ILE A 357 18.00 -7.81 16.25
N ALA A 358 18.87 -8.71 15.78
CA ALA A 358 18.58 -9.46 14.57
C ALA A 358 18.06 -10.87 14.91
N ILE A 359 16.89 -11.19 14.37
CA ILE A 359 16.30 -12.51 14.46
C ILE A 359 16.31 -13.12 13.06
N PRO A 360 17.40 -13.83 12.66
CA PRO A 360 17.55 -14.25 11.27
C PRO A 360 16.60 -15.37 10.86
N GLN A 361 16.13 -15.27 9.61
CA GLN A 361 15.11 -16.13 9.06
C GLN A 361 15.63 -17.09 7.99
N PHE A 362 16.49 -16.60 7.08
CA PHE A 362 17.00 -17.44 6.00
C PHE A 362 18.23 -16.84 5.33
N GLY A 363 18.93 -17.65 4.54
CA GLY A 363 19.97 -17.15 3.67
C GLY A 363 21.07 -16.40 4.41
N ASP A 364 21.50 -15.28 3.79
CA ASP A 364 22.58 -14.41 4.25
C ASP A 364 22.27 -13.78 5.60
N GLN A 365 21.01 -13.77 6.03
CA GLN A 365 20.63 -13.15 7.29
C GLN A 365 21.38 -13.76 8.47
N LEU A 366 21.71 -15.05 8.43
CA LEU A 366 22.47 -15.66 9.51
C LEU A 366 23.86 -15.02 9.62
N ASP A 367 24.48 -14.66 8.50
CA ASP A 367 25.81 -14.05 8.48
C ASP A 367 25.76 -12.63 9.03
N ASN A 368 24.78 -11.85 8.57
CA ASN A 368 24.61 -10.49 9.03
C ASN A 368 24.31 -10.45 10.52
N ALA A 369 23.48 -11.38 10.98
CA ALA A 369 23.14 -11.44 12.39
C ALA A 369 24.40 -11.65 13.24
N GLN A 370 25.28 -12.54 12.77
CA GLN A 370 26.45 -12.87 13.54
C GLN A 370 27.44 -11.71 13.48
N ARG A 371 27.39 -10.96 12.36
CA ARG A 371 28.29 -9.85 12.17
C ARG A 371 27.91 -8.72 13.14
N ILE A 372 26.62 -8.49 13.30
CA ILE A 372 26.10 -7.51 14.23
C ILE A 372 26.52 -7.89 15.64
N ALA A 373 26.45 -9.16 15.99
CA ALA A 373 26.85 -9.59 17.33
C ALA A 373 28.37 -9.50 17.50
N ASP A 374 29.14 -9.92 16.48
CA ASP A 374 30.59 -9.99 16.58
C ASP A 374 31.22 -8.59 16.71
N LEU A 375 30.62 -7.58 16.04
CA LEU A 375 31.17 -6.22 16.07
C LEU A 375 30.47 -5.35 17.10
N GLY A 376 29.56 -5.93 17.88
CA GLY A 376 28.96 -5.20 19.00
C GLY A 376 28.04 -4.09 18.52
N LEU A 377 27.20 -4.41 17.52
CA LEU A 377 26.27 -3.46 16.96
C LEU A 377 24.85 -3.82 17.37
N GLY A 378 24.71 -4.74 18.33
CA GLY A 378 23.42 -5.31 18.66
C GLY A 378 23.56 -6.77 19.08
N VAL A 379 22.44 -7.51 19.14
CA VAL A 379 22.53 -8.91 19.50
C VAL A 379 21.91 -9.73 18.39
N ARG A 380 22.24 -11.03 18.41
CA ARG A 380 21.61 -12.03 17.58
C ARG A 380 20.74 -12.89 18.48
N LEU A 381 19.47 -13.02 18.10
CA LEU A 381 18.57 -13.87 18.83
C LEU A 381 17.90 -14.81 17.85
N ASN A 382 18.16 -16.11 18.02
CA ASN A 382 17.66 -17.10 17.08
C ASN A 382 16.26 -17.59 17.47
N LEU A 383 15.47 -17.91 16.43
CA LEU A 383 14.16 -18.55 16.57
C LEU A 383 14.22 -19.79 17.45
N HIS A 384 15.20 -20.67 17.23
CA HIS A 384 15.24 -21.95 17.97
C HIS A 384 15.35 -21.69 19.47
N GLU A 385 16.21 -20.76 19.86
CA GLU A 385 16.43 -20.44 21.29
C GLU A 385 15.61 -19.21 21.68
N PHE A 386 14.42 -19.07 21.11
CA PHE A 386 13.65 -17.82 21.33
C PHE A 386 12.61 -17.96 22.43
N SER A 387 12.51 -16.95 23.29
CA SER A 387 11.47 -16.89 24.29
C SER A 387 11.17 -15.41 24.53
N GLY A 388 9.92 -15.14 24.93
CA GLY A 388 9.53 -13.83 25.41
C GLY A 388 10.54 -13.24 26.39
N GLU A 389 10.89 -14.00 27.44
CA GLU A 389 11.80 -13.52 28.47
C GLU A 389 13.10 -13.01 27.82
N LYS A 390 13.57 -13.71 26.79
CA LYS A 390 14.88 -13.40 26.23
C LYS A 390 14.80 -12.16 25.35
N LEU A 391 13.68 -11.98 24.63
CA LEU A 391 13.52 -10.84 23.74
C LEU A 391 13.38 -9.57 24.58
N LEU A 392 12.62 -9.67 25.67
CA LEU A 392 12.28 -8.50 26.45
C LEU A 392 13.55 -7.99 27.10
N LYS A 393 14.44 -8.93 27.44
CA LYS A 393 15.71 -8.61 28.09
C LYS A 393 16.75 -8.10 27.09
N ALA A 394 16.72 -8.62 25.87
CA ALA A 394 17.61 -8.11 24.85
C ALA A 394 17.26 -6.65 24.57
N ILE A 395 15.98 -6.30 24.55
CA ILE A 395 15.57 -4.92 24.35
C ILE A 395 16.16 -4.03 25.45
N GLU A 396 15.99 -4.40 26.72
CA GLU A 396 16.49 -3.58 27.83
C GLU A 396 18.01 -3.46 27.77
N ASP A 397 18.69 -4.56 27.41
CA ASP A 397 20.14 -4.63 27.39
C ASP A 397 20.71 -3.72 26.30
N VAL A 398 20.17 -3.79 25.09
CA VAL A 398 20.70 -3.02 23.98
C VAL A 398 20.40 -1.55 24.18
N LEU A 399 19.21 -1.23 24.69
CA LEU A 399 18.86 0.16 24.97
C LEU A 399 19.84 0.80 25.95
N ASN A 400 20.37 0.03 26.92
CA ASN A 400 21.15 0.60 28.00
C ASN A 400 22.65 0.35 27.85
N ASP A 401 23.06 -0.42 26.84
CA ASP A 401 24.46 -0.70 26.57
C ASP A 401 25.08 0.52 25.89
N GLU A 402 25.88 1.27 26.66
CA GLU A 402 26.59 2.44 26.16
C GLU A 402 27.52 2.07 25.01
N LYS A 403 28.19 0.92 25.14
CA LYS A 403 29.26 0.51 24.25
C LYS A 403 28.67 0.25 22.86
N ILE A 404 27.57 -0.53 22.80
CA ILE A 404 26.90 -0.81 21.55
C ILE A 404 26.44 0.50 20.90
N ASN A 405 25.86 1.41 21.69
CA ASN A 405 25.29 2.62 21.14
C ASN A 405 26.40 3.49 20.54
N ALA A 406 27.61 3.42 21.06
CA ALA A 406 28.71 4.22 20.55
C ALA A 406 29.29 3.60 19.28
N ASN A 407 29.38 2.26 19.23
CA ASN A 407 29.89 1.57 18.06
C ASN A 407 29.00 1.87 16.86
N VAL A 408 27.69 1.96 17.12
CA VAL A 408 26.74 2.17 16.04
C VAL A 408 26.84 3.62 15.56
N ALA A 409 27.08 4.56 16.47
CA ALA A 409 27.26 5.94 16.07
C ALA A 409 28.46 6.08 15.13
N ARG A 410 29.58 5.41 15.46
CA ARG A 410 30.79 5.44 14.66
C ARG A 410 30.55 4.87 13.26
N VAL A 411 29.86 3.75 13.17
CA VAL A 411 29.66 3.14 11.87
C VAL A 411 28.79 4.05 11.01
N SER A 412 27.79 4.66 11.66
CA SER A 412 26.91 5.65 11.07
C SER A 412 27.68 6.79 10.45
N GLU A 413 28.58 7.38 11.25
CA GLU A 413 29.37 8.50 10.80
C GLU A 413 30.18 8.13 9.56
N GLU A 414 30.77 6.91 9.51
CA GLU A 414 31.55 6.51 8.35
C GLU A 414 30.64 6.38 7.12
N LEU A 415 29.45 5.83 7.30
CA LEU A 415 28.57 5.60 6.17
C LEU A 415 28.09 6.91 5.57
N LYS A 416 27.83 7.91 6.43
CA LYS A 416 27.23 9.13 5.93
C LYS A 416 28.24 9.97 5.15
N LYS A 417 29.55 9.66 5.27
CA LYS A 417 30.55 10.47 4.60
C LYS A 417 31.38 9.68 3.58
N SER A 418 31.06 8.42 3.35
CA SER A 418 31.80 7.53 2.47
C SER A 418 31.93 8.07 1.04
N ASP A 419 33.08 7.85 0.42
CA ASP A 419 33.29 8.30 -0.99
C ASP A 419 33.31 7.10 -1.92
N SER A 420 32.94 5.92 -1.40
CA SER A 420 33.04 4.71 -2.20
C SER A 420 32.33 4.89 -3.55
N LYS A 421 31.28 5.73 -3.56
CA LYS A 421 30.49 5.98 -4.77
C LYS A 421 31.37 6.48 -5.91
N ASP A 422 32.33 7.35 -5.64
CA ASP A 422 33.03 8.06 -6.70
C ASP A 422 33.80 7.07 -7.58
N LYS A 423 34.55 6.15 -6.94
CA LYS A 423 35.39 5.19 -7.64
C LYS A 423 34.53 4.19 -8.43
N VAL A 424 33.41 3.74 -7.82
CA VAL A 424 32.51 2.77 -8.42
C VAL A 424 31.91 3.33 -9.72
N ILE A 425 31.42 4.56 -9.66
CA ILE A 425 30.83 5.19 -10.83
C ILE A 425 31.81 5.21 -12.00
N SER A 426 33.06 5.64 -11.74
CA SER A 426 34.10 5.71 -12.76
C SER A 426 34.23 4.37 -13.50
N LEU A 427 34.32 3.31 -12.70
CA LEU A 427 34.52 1.97 -13.23
C LEU A 427 33.34 1.58 -14.12
N ILE A 428 32.11 1.94 -13.71
CA ILE A 428 30.94 1.66 -14.52
C ILE A 428 31.03 2.42 -15.84
N GLU A 429 31.30 3.72 -15.77
CA GLU A 429 31.37 4.52 -16.98
C GLU A 429 32.48 3.97 -17.89
N LYS A 430 33.67 3.76 -17.31
CA LYS A 430 34.85 3.31 -18.05
C LYS A 430 34.51 2.02 -18.79
N LEU A 431 33.95 1.03 -18.09
CA LEU A 431 33.68 -0.27 -18.67
C LEU A 431 32.64 -0.16 -19.78
N ALA A 432 31.69 0.76 -19.60
CA ALA A 432 30.61 0.96 -20.54
C ALA A 432 31.14 1.51 -21.87
N ARG A 433 32.10 2.44 -21.80
CA ARG A 433 32.65 3.09 -22.98
C ARG A 433 33.73 2.24 -23.64
N ASP A 434 34.75 1.86 -22.86
CA ASP A 434 35.92 1.16 -23.37
C ASP A 434 35.65 -0.32 -23.60
N LYS A 435 34.62 -0.87 -22.95
CA LYS A 435 34.31 -2.30 -22.97
C LYS A 435 35.40 -3.10 -22.26
N LYS A 436 36.35 -2.40 -21.62
CA LYS A 436 37.45 -3.02 -20.88
C LYS A 436 37.68 -2.15 -19.65
N LEU A 437 38.27 -2.69 -18.57
CA LEU A 437 38.67 -1.83 -17.45
C LEU A 437 40.14 -1.38 -17.62
N LYS B 11 -18.88 16.08 30.10
CA LYS B 11 -17.40 16.04 30.20
C LYS B 11 -16.89 15.06 29.13
N SER B 12 -16.02 14.11 29.48
CA SER B 12 -15.50 13.15 28.51
C SER B 12 -16.57 12.14 28.12
N LEU B 13 -16.83 12.00 26.80
CA LEU B 13 -17.82 11.07 26.29
C LEU B 13 -17.13 9.87 25.64
N LYS B 14 -17.82 8.73 25.61
CA LYS B 14 -17.44 7.57 24.83
C LYS B 14 -18.31 7.54 23.58
N ILE B 15 -17.69 7.68 22.41
CA ILE B 15 -18.39 7.74 21.14
C ILE B 15 -17.88 6.64 20.20
N LEU B 16 -18.80 5.86 19.60
CA LEU B 16 -18.44 4.71 18.77
C LEU B 16 -18.87 4.96 17.32
N PHE B 17 -17.95 4.75 16.37
CA PHE B 17 -18.29 4.86 14.96
C PHE B 17 -18.32 3.47 14.33
N THR B 18 -19.10 3.32 13.27
CA THR B 18 -19.01 2.18 12.39
C THR B 18 -19.46 2.64 11.00
N ALA B 19 -19.20 1.80 10.00
CA ALA B 19 -19.49 2.14 8.60
C ALA B 19 -19.48 0.86 7.78
N LEU B 20 -19.97 0.90 6.54
CA LEU B 20 -19.80 -0.27 5.71
C LEU B 20 -18.38 -0.26 5.17
N PHE B 21 -18.03 -1.35 4.46
CA PHE B 21 -16.67 -1.69 4.06
C PHE B 21 -16.01 -0.57 3.24
N GLY B 22 -16.80 0.16 2.43
CA GLY B 22 -16.27 1.21 1.57
C GLY B 22 -15.27 2.11 2.29
N PRO B 23 -14.00 2.27 1.82
CA PRO B 23 -13.11 3.34 2.29
C PRO B 23 -13.78 4.71 2.34
N GLY B 24 -14.72 4.96 1.42
CA GLY B 24 -15.42 6.23 1.33
C GLY B 24 -16.29 6.52 2.55
N HIS B 25 -17.08 5.52 2.96
CA HIS B 25 -17.94 5.66 4.16
C HIS B 25 -17.05 5.81 5.40
N LEU B 26 -15.99 5.00 5.50
CA LEU B 26 -15.06 5.13 6.61
C LEU B 26 -14.49 6.54 6.67
N ASN B 27 -14.08 7.10 5.52
CA ASN B 27 -13.26 8.32 5.52
C ASN B 27 -14.10 9.47 6.02
N ALA B 28 -15.39 9.44 5.67
CA ALA B 28 -16.38 10.39 6.14
C ALA B 28 -16.40 10.48 7.67
N CYS B 29 -16.53 9.34 8.34
CA CYS B 29 -16.59 9.27 9.79
C CYS B 29 -15.29 9.66 10.48
N LEU B 30 -14.15 9.44 9.83
CA LEU B 30 -12.85 9.78 10.40
C LEU B 30 -12.78 11.28 10.58
N GLY B 31 -13.30 12.01 9.58
CA GLY B 31 -13.41 13.46 9.68
C GLY B 31 -14.21 13.92 10.90
N ILE B 32 -15.39 13.32 11.08
CA ILE B 32 -16.24 13.65 12.20
C ILE B 32 -15.50 13.30 13.49
N GLY B 33 -14.93 12.09 13.53
CA GLY B 33 -14.27 11.63 14.75
C GLY B 33 -13.13 12.56 15.17
N SER B 34 -12.44 13.14 14.18
CA SER B 34 -11.29 13.98 14.46
C SER B 34 -11.75 15.22 15.23
N LEU B 35 -12.76 15.90 14.66
CA LEU B 35 -13.45 17.03 15.29
C LEU B 35 -13.84 16.74 16.73
N LEU B 36 -14.34 15.54 17.02
CA LEU B 36 -14.78 15.20 18.37
C LEU B 36 -13.60 14.85 19.29
N ARG B 37 -12.48 14.35 18.71
CA ARG B 37 -11.36 13.95 19.54
C ARG B 37 -10.69 15.18 20.12
N LYS B 38 -10.66 16.25 19.32
CA LYS B 38 -10.14 17.54 19.74
C LYS B 38 -10.91 18.07 20.95
N ARG B 39 -12.24 17.85 21.01
CA ARG B 39 -13.05 18.31 22.14
C ARG B 39 -12.86 17.43 23.38
N GLY B 40 -11.95 16.44 23.33
CA GLY B 40 -11.55 15.68 24.52
C GLY B 40 -12.26 14.34 24.71
N HIS B 41 -12.95 13.85 23.66
CA HIS B 41 -13.75 12.64 23.77
C HIS B 41 -12.89 11.41 23.42
N GLN B 42 -13.35 10.24 23.87
CA GLN B 42 -12.76 8.95 23.54
C GLN B 42 -13.51 8.32 22.36
N ILE B 43 -12.84 8.20 21.20
CA ILE B 43 -13.48 7.71 19.99
C ILE B 43 -13.15 6.24 19.80
N TYR B 44 -14.17 5.41 19.52
CA TYR B 44 -13.98 4.01 19.17
C TYR B 44 -14.49 3.82 17.76
N PHE B 45 -13.88 2.88 17.03
CA PHE B 45 -14.28 2.62 15.66
C PHE B 45 -14.34 1.13 15.41
N ALA B 46 -15.53 0.66 15.02
CA ALA B 46 -15.75 -0.74 14.72
C ALA B 46 -15.79 -0.91 13.22
N HIS B 47 -14.75 -1.56 12.68
CA HIS B 47 -14.63 -1.74 11.24
C HIS B 47 -13.79 -2.97 10.97
N PHE B 48 -13.12 -3.01 9.82
CA PHE B 48 -12.38 -4.19 9.41
C PHE B 48 -10.88 -3.94 9.60
N PRO B 49 -10.08 -5.01 9.75
CA PRO B 49 -8.63 -4.85 9.92
C PRO B 49 -7.82 -4.09 8.87
N ARG B 50 -8.24 -4.08 7.59
CA ARG B 50 -7.61 -3.25 6.56
C ARG B 50 -7.47 -1.81 7.07
N HIS B 51 -8.37 -1.37 7.93
CA HIS B 51 -8.46 0.05 8.25
C HIS B 51 -7.95 0.30 9.67
N ARG B 52 -7.38 -0.70 10.33
CA ARG B 52 -6.81 -0.51 11.65
C ARG B 52 -5.75 0.59 11.62
N ALA B 53 -4.86 0.57 10.61
CA ALA B 53 -3.77 1.53 10.53
C ALA B 53 -4.28 2.96 10.60
N THR B 54 -5.16 3.40 9.66
CA THR B 54 -5.54 4.81 9.62
C THR B 54 -6.34 5.20 10.88
N ILE B 55 -7.14 4.26 11.41
CA ILE B 55 -8.00 4.49 12.56
C ILE B 55 -7.13 4.77 13.79
N GLU B 56 -6.12 3.94 14.06
CA GLU B 56 -5.28 4.09 15.23
C GLU B 56 -4.32 5.27 15.03
N LYS B 57 -3.88 5.49 13.80
CA LYS B 57 -3.07 6.65 13.48
C LYS B 57 -3.79 7.94 13.92
N HIS B 58 -5.13 7.98 13.75
CA HIS B 58 -5.91 9.16 14.10
C HIS B 58 -6.22 9.17 15.59
N GLY B 59 -5.84 8.11 16.31
CA GLY B 59 -5.95 8.08 17.76
C GLY B 59 -7.32 7.59 18.24
N PHE B 60 -8.05 6.90 17.35
CA PHE B 60 -9.29 6.24 17.72
C PHE B 60 -8.97 4.80 18.15
N LEU B 61 -9.74 4.25 19.07
CA LEU B 61 -9.52 2.88 19.50
C LEU B 61 -10.22 1.97 18.50
N PHE B 62 -9.51 0.95 18.03
CA PHE B 62 -10.02 0.14 16.93
C PHE B 62 -10.66 -1.12 17.46
N ILE B 63 -11.88 -1.41 16.99
CA ILE B 63 -12.58 -2.64 17.33
C ILE B 63 -12.85 -3.41 16.04
N SER B 64 -12.38 -4.65 15.96
CA SER B 64 -12.62 -5.43 14.76
C SER B 64 -13.99 -6.11 14.81
N LEU B 65 -14.82 -5.85 13.80
CA LEU B 65 -16.10 -6.50 13.70
C LEU B 65 -15.93 -8.01 13.69
N LEU B 66 -14.79 -8.52 13.19
CA LEU B 66 -14.62 -9.95 13.01
C LEU B 66 -14.53 -10.69 14.34
N ASP B 67 -14.09 -10.00 15.39
CA ASP B 67 -13.93 -10.56 16.72
C ASP B 67 -15.28 -10.74 17.41
N TYR B 68 -16.36 -10.26 16.77
CA TYR B 68 -17.67 -10.23 17.40
C TYR B 68 -18.73 -10.88 16.51
N ALA B 69 -18.32 -11.69 15.53
CA ALA B 69 -19.26 -12.42 14.68
C ALA B 69 -19.95 -13.52 15.48
N GLU B 70 -21.25 -13.72 15.21
CA GLU B 70 -21.93 -14.93 15.63
C GLU B 70 -21.49 -16.08 14.72
N PRO B 71 -21.24 -17.29 15.28
CA PRO B 71 -20.67 -18.37 14.51
C PRO B 71 -21.57 -18.75 13.33
N GLU B 72 -22.90 -18.67 13.53
CA GLU B 72 -23.87 -19.09 12.54
C GLU B 72 -24.07 -18.03 11.44
N PHE B 73 -23.60 -16.78 11.67
CA PHE B 73 -23.79 -15.70 10.73
C PHE B 73 -22.48 -14.91 10.53
N PRO B 74 -21.51 -15.44 9.75
CA PRO B 74 -20.15 -14.86 9.75
C PRO B 74 -20.10 -13.60 8.89
N ILE B 75 -19.06 -12.79 9.13
CA ILE B 75 -18.93 -11.48 8.51
C ILE B 75 -17.69 -11.45 7.62
N VAL B 76 -17.76 -10.72 6.49
CA VAL B 76 -16.63 -10.65 5.58
C VAL B 76 -16.41 -9.20 5.11
N ASP B 77 -15.14 -8.77 5.06
CA ASP B 77 -14.75 -7.55 4.36
C ASP B 77 -15.00 -7.77 2.86
N MET B 78 -16.00 -7.03 2.35
CA MET B 78 -16.49 -7.18 0.99
C MET B 78 -15.49 -6.60 -0.02
N LEU B 79 -14.59 -5.71 0.42
CA LEU B 79 -13.79 -4.90 -0.48
C LEU B 79 -13.01 -5.78 -1.48
N PRO B 80 -12.25 -6.80 -1.04
CA PRO B 80 -11.54 -7.65 -1.99
C PRO B 80 -12.42 -8.53 -2.89
N ASP B 81 -13.69 -8.74 -2.54
CA ASP B 81 -14.56 -9.62 -3.31
C ASP B 81 -15.55 -8.81 -4.13
N ILE B 82 -15.23 -7.54 -4.35
CA ILE B 82 -16.16 -6.58 -4.93
C ILE B 82 -16.19 -6.72 -6.45
N GLY B 83 -15.19 -7.40 -7.01
CA GLY B 83 -14.93 -7.35 -8.44
C GLY B 83 -16.07 -7.91 -9.28
N ILE B 84 -16.70 -8.98 -8.78
CA ILE B 84 -17.75 -9.65 -9.53
C ILE B 84 -18.89 -8.67 -9.74
N ILE B 85 -19.22 -7.92 -8.69
CA ILE B 85 -20.37 -7.03 -8.69
C ILE B 85 -20.02 -5.74 -9.44
N ALA B 86 -18.79 -5.25 -9.25
CA ALA B 86 -18.36 -4.03 -9.91
C ALA B 86 -18.42 -4.18 -11.42
N LYS B 87 -17.91 -5.32 -11.90
CA LYS B 87 -17.82 -5.60 -13.33
C LYS B 87 -19.21 -5.69 -13.94
N PHE B 88 -20.19 -6.19 -13.17
CA PHE B 88 -21.57 -6.31 -13.63
C PHE B 88 -22.16 -4.92 -13.84
N ALA B 89 -22.06 -4.08 -12.80
CA ALA B 89 -22.58 -2.73 -12.88
C ALA B 89 -21.98 -1.99 -14.06
N PHE B 90 -20.69 -2.23 -14.34
CA PHE B 90 -19.97 -1.52 -15.40
C PHE B 90 -20.52 -1.88 -16.79
N GLU B 91 -20.71 -3.19 -17.03
CA GLU B 91 -21.21 -3.66 -18.32
C GLU B 91 -22.61 -3.13 -18.57
N ARG B 92 -23.40 -3.06 -17.50
CA ARG B 92 -24.77 -2.56 -17.58
C ARG B 92 -24.76 -1.06 -17.87
N MET B 93 -23.96 -0.29 -17.12
CA MET B 93 -23.88 1.16 -17.27
C MET B 93 -23.29 1.56 -18.64
N HIS B 94 -22.43 0.69 -19.18
CA HIS B 94 -21.76 0.92 -20.44
C HIS B 94 -22.75 0.73 -21.59
N LYS B 95 -23.76 -0.13 -21.41
CA LYS B 95 -24.59 -0.58 -22.53
C LYS B 95 -25.98 0.05 -22.49
N LEU B 96 -26.38 0.67 -21.37
CA LEU B 96 -27.73 1.17 -21.18
C LEU B 96 -27.71 2.63 -20.72
N THR B 97 -28.70 3.41 -21.14
CA THR B 97 -28.96 4.70 -20.52
C THR B 97 -29.56 4.48 -19.14
N PRO B 98 -29.52 5.48 -18.22
CA PRO B 98 -30.10 5.32 -16.89
C PRO B 98 -31.60 5.01 -16.88
N LEU B 99 -32.33 5.42 -17.92
CA LEU B 99 -33.73 5.04 -18.05
C LEU B 99 -33.81 3.54 -18.37
N GLU B 100 -33.16 3.13 -19.47
CA GLU B 100 -33.11 1.74 -19.89
C GLU B 100 -32.66 0.84 -18.74
N LEU B 101 -31.71 1.33 -17.93
CA LEU B 101 -31.16 0.55 -16.83
C LEU B 101 -32.27 0.26 -15.80
N PHE B 102 -33.11 1.27 -15.51
CA PHE B 102 -34.18 1.15 -14.53
C PHE B 102 -35.35 0.34 -15.10
N ARG B 103 -35.57 0.44 -16.42
CA ARG B 103 -36.53 -0.41 -17.12
C ARG B 103 -36.16 -1.89 -16.98
N HIS B 104 -34.97 -2.28 -17.48
CA HIS B 104 -34.55 -3.67 -17.52
C HIS B 104 -34.41 -4.25 -16.10
N ALA B 105 -34.20 -3.38 -15.11
CA ALA B 105 -33.95 -3.85 -13.76
C ALA B 105 -35.28 -4.12 -13.02
N SER B 106 -36.21 -3.15 -13.07
CA SER B 106 -37.43 -3.18 -12.26
C SER B 106 -38.02 -4.59 -12.26
N GLY B 107 -38.29 -5.14 -11.07
CA GLY B 107 -38.59 -6.56 -10.92
C GLY B 107 -37.32 -7.40 -11.00
N LYS B 108 -37.47 -8.71 -11.23
CA LYS B 108 -36.36 -9.62 -11.42
C LYS B 108 -35.44 -9.66 -10.19
N HIS B 109 -35.87 -9.05 -9.07
CA HIS B 109 -35.14 -9.09 -7.81
C HIS B 109 -33.78 -8.42 -7.93
N THR B 110 -33.78 -7.10 -8.20
CA THR B 110 -32.57 -6.31 -8.40
C THR B 110 -31.57 -6.51 -7.27
N PHE B 111 -32.07 -6.59 -6.01
CA PHE B 111 -31.23 -6.68 -4.82
C PHE B 111 -31.41 -8.07 -4.18
N ALA B 112 -30.41 -8.94 -4.33
CA ALA B 112 -30.43 -10.28 -3.74
C ALA B 112 -29.20 -10.46 -2.85
N GLY B 113 -29.42 -10.90 -1.59
CA GLY B 113 -28.32 -11.18 -0.67
C GLY B 113 -27.62 -9.92 -0.17
N MET B 114 -27.89 -8.75 -0.78
CA MET B 114 -27.19 -7.53 -0.44
C MET B 114 -27.60 -7.05 0.95
N VAL B 115 -28.80 -7.44 1.40
CA VAL B 115 -29.29 -7.11 2.73
C VAL B 115 -29.22 -8.38 3.58
N ASN B 116 -29.47 -9.54 2.99
CA ASN B 116 -29.31 -10.78 3.73
C ASN B 116 -27.91 -10.83 4.37
N GLY B 117 -26.83 -10.41 3.67
CA GLY B 117 -25.47 -10.52 4.18
C GLY B 117 -25.15 -9.56 5.33
N SER B 118 -26.05 -8.62 5.62
CA SER B 118 -25.88 -7.62 6.65
C SER B 118 -26.23 -8.15 8.04
N LYS B 119 -26.89 -9.31 8.14
CA LYS B 119 -27.22 -9.87 9.45
C LYS B 119 -25.98 -9.99 10.36
N GLY B 120 -24.85 -10.44 9.79
CA GLY B 120 -23.64 -10.67 10.57
C GLY B 120 -23.18 -9.40 11.27
N GLU B 121 -23.00 -8.35 10.48
CA GLU B 121 -22.59 -7.05 10.98
C GLU B 121 -23.55 -6.64 12.11
N ASN B 122 -24.82 -7.01 12.01
CA ASN B 122 -25.82 -6.54 12.95
C ASN B 122 -25.61 -7.17 14.33
N TYR B 123 -25.53 -8.50 14.39
CA TYR B 123 -25.22 -9.22 15.61
C TYR B 123 -23.94 -8.67 16.24
N ALA B 124 -22.92 -8.48 15.41
CA ALA B 124 -21.64 -7.97 15.89
C ALA B 124 -21.83 -6.64 16.60
N MET B 125 -22.57 -5.71 15.99
CA MET B 125 -22.71 -4.37 16.54
C MET B 125 -23.52 -4.40 17.84
N MET B 126 -24.45 -5.36 17.95
CA MET B 126 -25.18 -5.54 19.19
C MET B 126 -24.21 -5.86 20.33
N LYS B 127 -23.27 -6.78 20.12
CA LYS B 127 -22.39 -7.22 21.18
C LYS B 127 -21.38 -6.12 21.55
N ILE B 128 -20.88 -5.41 20.53
CA ILE B 128 -19.90 -4.35 20.69
C ILE B 128 -20.50 -3.22 21.52
N VAL B 129 -21.73 -2.82 21.20
CA VAL B 129 -22.41 -1.77 21.96
C VAL B 129 -22.69 -2.22 23.39
N LYS B 130 -23.11 -3.46 23.57
CA LYS B 130 -23.26 -4.03 24.91
C LYS B 130 -21.95 -3.94 25.70
N GLU B 131 -20.82 -4.37 25.10
CA GLU B 131 -19.58 -4.51 25.84
C GLU B 131 -18.93 -3.16 26.13
N TYR B 132 -18.93 -2.23 25.17
CA TYR B 132 -18.18 -0.98 25.34
C TYR B 132 -19.02 0.13 25.96
N LYS B 133 -20.33 -0.12 26.14
CA LYS B 133 -21.27 0.78 26.81
C LYS B 133 -20.98 2.23 26.40
N PRO B 134 -21.02 2.57 25.09
CA PRO B 134 -20.81 3.94 24.63
C PRO B 134 -22.02 4.85 24.90
N ASP B 135 -21.74 6.15 24.89
CA ASP B 135 -22.73 7.17 25.19
C ASP B 135 -23.52 7.50 23.93
N VAL B 136 -22.86 7.42 22.76
CA VAL B 136 -23.53 7.64 21.49
C VAL B 136 -22.81 6.83 20.42
N CYS B 137 -23.54 6.43 19.36
CA CYS B 137 -22.95 5.80 18.21
C CYS B 137 -23.25 6.64 16.99
N LEU B 138 -22.36 6.58 15.99
CA LEU B 138 -22.65 7.09 14.66
C LEU B 138 -22.34 6.03 13.62
N ALA B 139 -23.19 5.95 12.59
CA ALA B 139 -23.11 4.88 11.63
C ALA B 139 -23.28 5.44 10.22
N ASP B 140 -22.26 5.22 9.36
CA ASP B 140 -22.36 5.54 7.93
C ASP B 140 -22.64 4.26 7.13
N TYR B 141 -23.91 4.12 6.77
CA TYR B 141 -24.49 2.98 6.10
C TYR B 141 -25.30 3.48 4.90
N LEU B 142 -25.64 2.57 3.99
CA LEU B 142 -26.54 2.92 2.89
C LEU B 142 -28.00 2.87 3.33
N PHE B 143 -28.28 2.23 4.47
CA PHE B 143 -29.65 2.10 4.94
C PHE B 143 -29.60 1.72 6.41
N ASN B 144 -30.67 1.99 7.14
CA ASN B 144 -30.65 1.74 8.58
C ASN B 144 -30.50 0.25 8.85
N MET B 145 -30.08 -0.08 10.06
CA MET B 145 -29.87 -1.44 10.52
C MET B 145 -30.61 -1.62 11.84
N PRO B 146 -31.18 -2.81 12.09
CA PRO B 146 -31.93 -3.05 13.32
C PRO B 146 -31.20 -2.72 14.61
N TRP B 147 -29.88 -2.94 14.66
CA TRP B 147 -29.16 -2.73 15.91
C TRP B 147 -29.31 -1.27 16.37
N MET B 148 -29.50 -0.35 15.41
CA MET B 148 -29.56 1.09 15.70
C MET B 148 -30.78 1.43 16.55
N PHE B 149 -31.70 0.47 16.69
CA PHE B 149 -32.94 0.68 17.40
C PHE B 149 -33.10 -0.33 18.53
N THR B 150 -32.02 -1.02 18.92
CA THR B 150 -32.11 -2.00 19.99
C THR B 150 -31.11 -1.71 21.09
N VAL B 151 -29.99 -1.10 20.76
CA VAL B 151 -28.98 -0.73 21.74
C VAL B 151 -29.50 0.40 22.63
N ASP B 152 -28.95 0.47 23.85
CA ASP B 152 -29.34 1.40 24.91
C ASP B 152 -29.20 2.85 24.48
N CYS B 153 -28.01 3.19 23.99
CA CYS B 153 -27.65 4.56 23.67
C CYS B 153 -28.36 5.06 22.43
N PRO B 154 -28.33 6.38 22.15
CA PRO B 154 -28.76 6.90 20.86
C PRO B 154 -27.79 6.66 19.71
N VAL B 155 -28.34 6.67 18.49
CA VAL B 155 -27.61 6.31 17.30
C VAL B 155 -27.90 7.29 16.17
N ILE B 156 -26.85 7.95 15.65
CA ILE B 156 -26.98 8.97 14.62
C ILE B 156 -26.55 8.40 13.28
N PRO B 157 -27.46 8.16 12.32
CA PRO B 157 -27.03 7.82 10.96
C PRO B 157 -26.22 8.98 10.41
N VAL B 158 -25.14 8.64 9.69
CA VAL B 158 -24.29 9.59 9.00
C VAL B 158 -24.39 9.25 7.52
N LYS B 159 -24.49 10.26 6.67
CA LYS B 159 -24.75 10.00 5.28
C LYS B 159 -23.70 10.70 4.45
N SER B 160 -22.90 9.93 3.70
CA SER B 160 -21.87 10.52 2.88
C SER B 160 -22.23 10.42 1.40
N VAL B 161 -23.23 9.62 1.03
CA VAL B 161 -23.78 9.67 -0.31
C VAL B 161 -24.48 11.01 -0.58
N ASN B 162 -24.64 11.33 -1.86
CA ASN B 162 -25.48 12.42 -2.31
C ASN B 162 -26.79 12.43 -1.53
N PRO B 163 -27.16 13.55 -0.86
CA PRO B 163 -28.39 13.63 -0.07
C PRO B 163 -29.71 13.98 -0.75
N ILE B 164 -29.81 13.89 -2.08
CA ILE B 164 -31.06 14.21 -2.77
C ILE B 164 -32.16 13.29 -2.26
N GLU B 165 -31.77 12.10 -1.79
CA GLU B 165 -32.72 11.16 -1.20
C GLU B 165 -33.36 11.69 0.08
N LEU B 166 -32.84 12.79 0.66
CA LEU B 166 -33.35 13.31 1.92
C LEU B 166 -34.45 14.35 1.67
N TYR B 167 -34.74 14.60 0.40
CA TYR B 167 -35.66 15.67 0.04
C TYR B 167 -36.83 15.07 -0.72
N ASN B 168 -37.86 15.91 -0.88
CA ASN B 168 -39.10 15.52 -1.51
C ASN B 168 -39.11 16.03 -2.95
N GLY B 169 -38.93 15.13 -3.91
CA GLY B 169 -38.83 15.50 -5.31
C GLY B 169 -37.94 14.53 -6.10
N PRO B 170 -37.01 15.05 -6.93
CA PRO B 170 -36.30 14.20 -7.88
C PRO B 170 -35.87 12.90 -7.22
N PRO B 171 -36.06 11.74 -7.88
CA PRO B 171 -35.65 10.46 -7.31
C PRO B 171 -34.13 10.37 -7.24
N ALA B 172 -33.65 9.61 -6.27
CA ALA B 172 -32.23 9.38 -6.10
C ALA B 172 -31.78 8.29 -7.08
N LEU B 173 -30.45 8.23 -7.30
CA LEU B 173 -29.78 7.14 -8.00
C LEU B 173 -30.11 7.10 -9.50
N THR B 174 -30.74 8.17 -10.01
CA THR B 174 -31.13 8.30 -11.41
C THR B 174 -30.32 9.36 -12.14
N GLY B 175 -29.78 10.33 -11.39
CA GLY B 175 -28.99 11.40 -11.99
C GLY B 175 -29.84 12.29 -12.90
N CYS B 176 -31.04 12.63 -12.40
CA CYS B 176 -31.90 13.58 -13.06
C CYS B 176 -31.30 14.98 -12.97
N SER B 177 -31.47 15.77 -14.04
CA SER B 177 -31.04 17.16 -14.08
C SER B 177 -32.17 18.03 -13.58
N ILE B 178 -31.83 19.27 -13.20
CA ILE B 178 -32.82 20.30 -12.88
C ILE B 178 -33.39 20.91 -14.16
N HIS B 179 -32.70 20.69 -15.30
CA HIS B 179 -33.16 21.13 -16.61
C HIS B 179 -34.08 20.09 -17.26
N ASP B 180 -33.90 18.80 -16.90
CA ASP B 180 -34.68 17.70 -17.44
C ASP B 180 -36.15 18.10 -17.51
N PRO B 181 -36.82 18.02 -18.69
CA PRO B 181 -38.21 18.42 -18.83
C PRO B 181 -39.17 17.64 -17.94
N PRO B 182 -40.43 18.11 -17.76
CA PRO B 182 -41.46 17.32 -17.08
C PRO B 182 -41.67 15.90 -17.61
N SER B 183 -41.51 15.70 -18.92
CA SER B 183 -41.92 14.46 -19.60
C SER B 183 -40.97 13.30 -19.33
N VAL B 184 -39.67 13.58 -19.33
CA VAL B 184 -38.64 12.55 -19.22
C VAL B 184 -38.48 12.12 -17.76
N ARG B 185 -38.75 13.04 -16.83
CA ARG B 185 -38.76 12.75 -15.40
C ARG B 185 -39.86 11.73 -15.08
N GLU B 186 -41.10 11.99 -15.53
CA GLU B 186 -42.27 11.19 -15.19
C GLU B 186 -41.96 9.69 -15.10
N GLU B 187 -41.36 9.16 -16.17
CA GLU B 187 -41.21 7.73 -16.35
C GLU B 187 -40.18 7.18 -15.38
N ILE B 188 -39.11 7.96 -15.12
CA ILE B 188 -38.04 7.56 -14.21
C ILE B 188 -38.55 7.51 -12.77
N GLU B 189 -39.47 8.41 -12.40
CA GLU B 189 -39.96 8.51 -11.02
C GLU B 189 -40.81 7.29 -10.66
N GLN B 190 -41.58 6.78 -11.64
CA GLN B 190 -42.39 5.59 -11.43
C GLN B 190 -41.50 4.39 -11.10
N LEU B 191 -40.52 4.16 -11.99
CA LEU B 191 -39.59 3.04 -11.88
C LEU B 191 -38.80 3.13 -10.58
N ALA B 192 -38.51 4.35 -10.12
CA ALA B 192 -37.67 4.58 -8.96
C ALA B 192 -38.48 4.45 -7.66
N ARG B 193 -39.73 4.93 -7.65
CA ARG B 193 -40.62 4.69 -6.53
C ARG B 193 -40.73 3.17 -6.33
N LYS B 194 -40.90 2.44 -7.43
CA LYS B 194 -41.05 0.97 -7.35
C LYS B 194 -39.81 0.34 -6.72
N SER B 195 -38.63 0.70 -7.23
CA SER B 195 -37.39 0.07 -6.75
C SER B 195 -37.12 0.45 -5.29
N GLU B 196 -37.60 1.62 -4.84
CA GLU B 196 -37.48 1.98 -3.43
C GLU B 196 -38.34 1.03 -2.59
N LEU B 197 -39.46 0.54 -3.15
CA LEU B 197 -40.32 -0.40 -2.43
C LEU B 197 -39.66 -1.78 -2.36
N GLU B 198 -38.90 -2.15 -3.39
CA GLU B 198 -38.17 -3.40 -3.40
C GLU B 198 -37.09 -3.43 -2.30
N LEU B 199 -36.45 -2.27 -2.06
CA LEU B 199 -35.48 -2.11 -0.99
C LEU B 199 -36.17 -2.28 0.37
N GLU B 200 -37.28 -1.58 0.57
CA GLU B 200 -38.01 -1.61 1.83
C GLU B 200 -38.55 -3.01 2.11
N SER B 201 -38.81 -3.84 1.08
CA SER B 201 -39.28 -5.20 1.33
C SER B 201 -38.11 -6.08 1.77
N GLU B 202 -36.93 -5.83 1.21
CA GLU B 202 -35.70 -6.48 1.65
C GLU B 202 -35.38 -6.16 3.11
N LEU B 203 -35.50 -4.89 3.47
CA LEU B 203 -35.23 -4.47 4.84
C LEU B 203 -36.20 -5.11 5.81
N GLU B 204 -37.47 -5.27 5.39
CA GLU B 204 -38.47 -5.88 6.23
C GLU B 204 -37.96 -7.22 6.74
N LYS B 205 -37.41 -8.05 5.85
CA LYS B 205 -36.90 -9.37 6.22
C LYS B 205 -35.78 -9.23 7.25
N LEU B 206 -34.92 -8.24 7.03
CA LEU B 206 -33.78 -8.06 7.90
C LEU B 206 -34.25 -7.62 9.28
N PHE B 207 -35.16 -6.64 9.32
CA PHE B 207 -35.71 -6.16 10.58
C PHE B 207 -36.55 -7.25 11.25
N ALA B 208 -37.33 -7.98 10.45
CA ALA B 208 -38.15 -9.07 10.97
C ALA B 208 -37.26 -10.05 11.75
N HIS B 209 -36.08 -10.37 11.18
CA HIS B 209 -35.20 -11.38 11.73
C HIS B 209 -34.81 -11.02 13.15
N PHE B 210 -34.70 -9.72 13.45
CA PHE B 210 -34.28 -9.24 14.76
C PHE B 210 -35.45 -8.68 15.57
N ASN B 211 -36.69 -8.84 15.07
CA ASN B 211 -37.92 -8.44 15.74
C ASN B 211 -37.88 -6.96 16.10
N VAL B 212 -37.64 -6.13 15.09
CA VAL B 212 -37.56 -4.70 15.30
C VAL B 212 -38.55 -4.07 14.35
N PRO B 213 -39.41 -3.14 14.83
CA PRO B 213 -40.24 -2.36 13.91
C PRO B 213 -39.40 -1.83 12.75
N LEU B 214 -39.77 -2.22 11.53
CA LEU B 214 -39.23 -1.59 10.34
C LEU B 214 -39.43 -0.10 10.45
N VAL B 215 -38.49 0.63 9.86
CA VAL B 215 -38.51 2.08 9.78
C VAL B 215 -38.22 2.40 8.31
N SER B 216 -38.30 3.68 7.95
CA SER B 216 -37.78 4.11 6.66
C SER B 216 -36.27 3.86 6.58
N TYR B 217 -35.76 3.73 5.35
CA TYR B 217 -34.39 3.31 5.14
C TYR B 217 -33.43 4.40 5.60
N ASN B 218 -33.88 5.68 5.55
CA ASN B 218 -33.09 6.83 5.97
C ASN B 218 -33.84 7.68 7.02
N TYR B 219 -34.49 6.99 7.95
CA TYR B 219 -35.09 7.63 9.10
C TYR B 219 -34.01 8.00 10.12
N ALA B 220 -34.14 9.23 10.61
CA ALA B 220 -33.31 9.70 11.71
C ALA B 220 -34.19 9.91 12.93
N GLN B 221 -34.09 9.00 13.89
CA GLN B 221 -34.93 8.98 15.07
C GLN B 221 -34.80 10.31 15.83
N GLN B 222 -33.58 10.79 16.07
CA GLN B 222 -33.34 11.99 16.84
C GLN B 222 -32.38 12.94 16.10
N LEU B 223 -31.29 12.42 15.55
CA LEU B 223 -30.36 13.26 14.81
C LEU B 223 -29.76 12.47 13.65
N GLY B 224 -29.74 13.08 12.46
CA GLY B 224 -29.01 12.56 11.31
C GLY B 224 -28.00 13.60 10.82
N ILE B 225 -26.83 13.15 10.39
CA ILE B 225 -25.85 14.08 9.84
C ILE B 225 -25.57 13.67 8.41
N TYR B 226 -25.77 14.59 7.46
CA TYR B 226 -25.34 14.36 6.11
C TYR B 226 -24.23 15.35 5.77
N ILE B 227 -23.18 14.82 5.13
CA ILE B 227 -22.06 15.64 4.68
C ILE B 227 -22.29 15.99 3.23
N TYR B 228 -22.23 17.28 2.91
CA TYR B 228 -22.34 17.72 1.53
C TYR B 228 -22.12 19.22 1.50
N PRO B 229 -21.44 19.79 0.48
CA PRO B 229 -21.11 21.22 0.48
C PRO B 229 -22.38 22.05 0.42
N GLY B 230 -22.48 23.04 1.33
CA GLY B 230 -23.64 23.91 1.44
C GLY B 230 -24.02 24.47 0.08
N PRO B 231 -23.04 25.02 -0.68
CA PRO B 231 -23.31 25.55 -2.03
C PRO B 231 -23.90 24.55 -3.04
N LEU B 232 -23.68 23.24 -2.81
CA LEU B 232 -24.24 22.21 -3.66
C LEU B 232 -25.55 21.63 -3.11
N ASP B 233 -25.88 21.92 -1.84
CA ASP B 233 -27.01 21.28 -1.21
C ASP B 233 -28.27 21.71 -1.95
N TYR B 234 -29.34 20.92 -1.80
CA TYR B 234 -30.53 21.07 -2.61
C TYR B 234 -31.49 22.09 -1.98
N LYS B 235 -31.07 23.36 -1.96
CA LYS B 235 -31.81 24.42 -1.29
C LYS B 235 -33.17 24.63 -1.99
N GLU B 236 -33.21 24.36 -3.30
CA GLU B 236 -34.37 24.63 -4.15
C GLU B 236 -35.52 23.66 -3.90
N LEU B 237 -35.25 22.55 -3.20
CA LEU B 237 -36.24 21.52 -2.92
C LEU B 237 -36.76 21.70 -1.50
N GLY B 238 -36.41 22.83 -0.86
CA GLY B 238 -36.85 23.13 0.49
C GLY B 238 -35.88 22.53 1.52
N SER B 239 -36.45 21.87 2.54
CA SER B 239 -35.68 21.40 3.67
C SER B 239 -35.57 19.88 3.64
N PRO B 240 -34.47 19.32 4.16
CA PRO B 240 -34.32 17.86 4.21
C PRO B 240 -35.30 17.28 5.23
N LYS B 241 -35.44 15.95 5.23
CA LYS B 241 -36.26 15.22 6.18
C LYS B 241 -35.91 15.60 7.60
N GLU B 242 -36.74 15.16 8.54
CA GLU B 242 -36.68 15.62 9.93
C GLU B 242 -35.44 15.05 10.59
N ASN B 243 -34.84 15.87 11.45
CA ASN B 243 -33.72 15.50 12.30
C ASN B 243 -32.40 15.48 11.54
N TRP B 244 -32.40 15.83 10.25
CA TRP B 244 -31.17 15.78 9.47
C TRP B 244 -30.53 17.14 9.42
N VAL B 245 -29.25 17.18 9.80
CA VAL B 245 -28.46 18.40 9.74
C VAL B 245 -27.27 18.20 8.80
N ARG B 246 -26.75 19.31 8.26
CA ARG B 246 -25.67 19.28 7.30
C ARG B 246 -24.34 19.66 7.94
N LEU B 247 -23.31 18.95 7.48
CA LEU B 247 -21.90 19.29 7.67
C LEU B 247 -21.31 19.49 6.26
N ASP B 248 -20.65 20.62 6.01
CA ASP B 248 -20.35 20.99 4.64
C ASP B 248 -19.28 20.06 4.05
N SER B 249 -18.28 19.67 4.86
CA SER B 249 -17.27 18.69 4.46
C SER B 249 -16.78 17.90 5.69
N SER B 250 -16.12 16.77 5.43
CA SER B 250 -15.60 15.92 6.48
C SER B 250 -14.41 15.15 5.94
N ILE B 251 -13.29 15.87 5.81
CA ILE B 251 -12.03 15.34 5.29
C ILE B 251 -11.08 15.14 6.47
N ARG B 252 -10.69 13.87 6.66
CA ARG B 252 -9.67 13.47 7.62
C ARG B 252 -8.39 14.27 7.39
N SER B 253 -7.51 14.29 8.40
CA SER B 253 -6.21 14.90 8.26
C SER B 253 -5.28 14.01 7.43
N THR B 254 -4.35 14.65 6.70
CA THR B 254 -3.35 13.92 5.92
C THR B 254 -2.01 14.10 6.61
N GLU B 255 -1.28 13.00 6.79
CA GLU B 255 0.09 13.04 7.30
C GLU B 255 1.01 13.75 6.31
N ILE B 256 1.02 13.25 5.07
CA ILE B 256 1.85 13.82 4.00
C ILE B 256 1.53 15.30 3.89
N SER B 257 2.58 16.14 3.87
CA SER B 257 2.40 17.56 3.64
C SER B 257 2.61 17.88 2.16
N ASN B 258 3.58 17.23 1.50
CA ASN B 258 3.97 17.64 0.17
C ASN B 258 4.10 16.44 -0.77
N PHE B 259 3.29 16.40 -1.83
CA PHE B 259 3.34 15.32 -2.79
C PHE B 259 4.36 15.66 -3.87
N GLU B 260 5.50 14.95 -3.87
CA GLU B 260 6.54 15.21 -4.85
C GLU B 260 6.22 14.40 -6.11
N LEU B 261 6.30 15.07 -7.25
CA LEU B 261 5.87 14.50 -8.52
C LEU B 261 6.89 13.45 -8.98
N PRO B 262 6.45 12.39 -9.70
CA PRO B 262 7.39 11.40 -10.24
C PRO B 262 8.24 11.98 -11.37
N GLU B 263 9.52 11.60 -11.42
CA GLU B 263 10.47 12.13 -12.38
C GLU B 263 10.05 11.81 -13.81
N LYS B 264 9.27 10.74 -13.99
CA LYS B 264 8.79 10.39 -15.31
C LYS B 264 8.11 11.57 -16.00
N LEU B 265 7.36 12.36 -15.21
CA LEU B 265 6.52 13.43 -15.74
C LEU B 265 7.22 14.79 -15.67
N LYS B 266 8.36 14.90 -14.97
CA LYS B 266 9.15 16.14 -14.98
C LYS B 266 9.41 16.51 -16.44
N ASP B 267 9.48 17.81 -16.72
CA ASP B 267 9.76 18.26 -18.12
C ASP B 267 8.88 17.50 -19.10
N LYS B 268 7.55 17.62 -18.98
CA LYS B 268 6.65 17.00 -19.93
C LYS B 268 5.51 17.99 -20.18
N PRO B 269 5.02 18.17 -21.42
CA PRO B 269 4.11 19.28 -21.72
C PRO B 269 2.75 19.17 -21.03
N GLY B 270 2.16 20.34 -20.79
CA GLY B 270 0.75 20.48 -20.45
C GLY B 270 0.51 20.54 -18.95
N LYS B 271 -0.78 20.58 -18.62
CA LYS B 271 -1.25 20.64 -17.26
C LYS B 271 -1.13 19.28 -16.57
N LEU B 272 -1.39 19.27 -15.26
CA LEU B 272 -1.36 18.05 -14.51
C LEU B 272 -2.80 17.66 -14.15
N ILE B 273 -3.14 16.39 -14.40
CA ILE B 273 -4.51 15.91 -14.27
C ILE B 273 -4.50 14.60 -13.50
N TYR B 274 -5.38 14.48 -12.51
CA TYR B 274 -5.50 13.27 -11.71
C TYR B 274 -6.68 12.45 -12.20
N VAL B 275 -6.52 11.12 -12.29
CA VAL B 275 -7.60 10.21 -12.66
C VAL B 275 -7.82 9.14 -11.60
N SER B 276 -9.05 9.07 -11.07
CA SER B 276 -9.40 8.02 -10.12
C SER B 276 -10.85 7.63 -10.30
N MET B 277 -11.10 6.31 -10.30
CA MET B 277 -12.46 5.79 -10.37
C MET B 277 -12.89 5.29 -9.00
N GLY B 278 -12.12 5.69 -7.97
CA GLY B 278 -12.48 5.49 -6.58
C GLY B 278 -11.83 4.24 -6.01
N SER B 279 -12.24 3.88 -4.79
CA SER B 279 -11.77 2.66 -4.14
C SER B 279 -12.49 1.40 -4.66
N LEU B 280 -13.67 1.52 -5.29
CA LEU B 280 -14.48 0.33 -5.56
C LEU B 280 -14.51 -0.02 -7.05
N ALA B 281 -14.93 0.91 -7.91
CA ALA B 281 -15.08 0.67 -9.35
C ALA B 281 -13.74 0.41 -10.04
N SER B 282 -12.66 0.94 -9.47
CA SER B 282 -11.33 0.81 -10.03
C SER B 282 -10.89 -0.65 -10.10
N ALA B 283 -11.60 -1.56 -9.40
CA ALA B 283 -11.34 -2.99 -9.52
C ALA B 283 -11.53 -3.50 -10.94
N VAL B 284 -12.36 -2.80 -11.74
CA VAL B 284 -12.66 -3.22 -13.09
C VAL B 284 -11.59 -2.66 -14.03
N THR B 285 -10.76 -3.55 -14.59
CA THR B 285 -9.64 -3.07 -15.39
C THR B 285 -10.15 -2.56 -16.74
N GLU B 286 -11.30 -3.06 -17.18
CA GLU B 286 -11.83 -2.66 -18.51
C GLU B 286 -12.20 -1.18 -18.45
N LEU B 287 -12.65 -0.70 -17.29
CA LEU B 287 -13.03 0.69 -17.12
C LEU B 287 -11.81 1.58 -17.24
N LEU B 288 -10.74 1.24 -16.53
CA LEU B 288 -9.54 2.07 -16.56
C LEU B 288 -8.90 2.06 -17.93
N THR B 289 -8.85 0.90 -18.57
CA THR B 289 -8.24 0.77 -19.88
C THR B 289 -8.98 1.63 -20.91
N MET B 290 -10.31 1.64 -20.78
CA MET B 290 -11.19 2.36 -21.68
C MET B 290 -10.89 3.87 -21.61
N ILE B 291 -10.62 4.35 -20.39
CA ILE B 291 -10.35 5.76 -20.12
C ILE B 291 -8.93 6.13 -20.56
N LEU B 292 -7.92 5.32 -20.22
CA LEU B 292 -6.54 5.73 -20.34
C LEU B 292 -6.06 5.64 -21.80
N THR B 293 -6.56 4.65 -22.55
CA THR B 293 -6.13 4.46 -23.93
C THR B 293 -6.19 5.79 -24.71
N PRO B 294 -7.34 6.48 -24.82
CA PRO B 294 -7.36 7.79 -25.48
C PRO B 294 -6.47 8.87 -24.86
N LEU B 295 -6.30 8.86 -23.53
CA LEU B 295 -5.53 9.89 -22.85
C LEU B 295 -4.04 9.85 -23.21
N ALA B 296 -3.57 8.74 -23.78
CA ALA B 296 -2.20 8.67 -24.25
C ALA B 296 -1.89 9.83 -25.20
N ASN B 297 -2.91 10.29 -25.94
CA ASN B 297 -2.71 11.28 -26.99
C ASN B 297 -2.98 12.69 -26.47
N SER B 298 -3.47 12.83 -25.22
CA SER B 298 -3.76 14.12 -24.63
C SER B 298 -2.45 14.85 -24.31
N PRO B 299 -2.30 16.14 -24.65
CA PRO B 299 -1.02 16.84 -24.41
C PRO B 299 -0.89 17.34 -22.97
N HIS B 300 -1.08 16.42 -22.02
CA HIS B 300 -1.04 16.76 -20.60
C HIS B 300 -0.28 15.65 -19.85
N ARG B 301 -0.11 15.86 -18.55
CA ARG B 301 0.49 14.88 -17.68
C ARG B 301 -0.59 14.30 -16.79
N PHE B 302 -0.63 12.96 -16.69
CA PHE B 302 -1.64 12.27 -15.88
C PHE B 302 -1.00 11.52 -14.72
N ILE B 303 -1.63 11.61 -13.56
CA ILE B 303 -1.36 10.72 -12.45
C ILE B 303 -2.63 9.92 -12.21
N VAL B 304 -2.44 8.63 -11.97
CA VAL B 304 -3.54 7.70 -12.06
C VAL B 304 -3.55 6.83 -10.83
N SER B 305 -4.70 6.78 -10.14
CA SER B 305 -4.94 5.70 -9.21
C SER B 305 -5.41 4.48 -9.98
N THR B 306 -4.68 3.39 -9.91
CA THR B 306 -4.88 2.29 -10.86
C THR B 306 -5.71 1.17 -10.25
N GLY B 307 -5.94 1.22 -8.94
CA GLY B 307 -6.82 0.26 -8.28
C GLY B 307 -6.13 -1.06 -7.92
N PRO B 308 -6.83 -1.97 -7.22
CA PRO B 308 -6.23 -3.25 -6.81
C PRO B 308 -5.61 -4.07 -7.93
N ASN B 309 -6.13 -3.94 -9.15
CA ASN B 309 -5.61 -4.73 -10.26
C ASN B 309 -4.79 -3.85 -11.18
N GLY B 310 -4.18 -2.83 -10.60
CA GLY B 310 -3.50 -1.79 -11.36
C GLY B 310 -2.20 -2.25 -11.98
N ASP B 311 -1.56 -3.26 -11.39
CA ASP B 311 -0.25 -3.68 -11.88
C ASP B 311 -0.44 -4.27 -13.27
N SER B 312 -1.67 -4.67 -13.61
CA SER B 312 -1.91 -5.20 -14.95
C SER B 312 -2.57 -4.17 -15.86
N ILE B 313 -2.36 -2.87 -15.63
CA ILE B 313 -2.95 -1.85 -16.47
C ILE B 313 -1.84 -1.09 -17.19
N LYS B 314 -2.01 -0.90 -18.50
CA LYS B 314 -0.99 -0.26 -19.30
C LYS B 314 -1.05 1.24 -19.06
N LEU B 315 0.12 1.85 -18.84
CA LEU B 315 0.29 3.29 -18.76
C LEU B 315 1.16 3.76 -19.93
N TYR B 316 0.93 5.01 -20.33
CA TYR B 316 1.70 5.56 -21.48
C TYR B 316 2.74 6.56 -20.97
N ASP B 317 3.45 7.22 -21.89
CA ASP B 317 4.56 8.13 -21.51
C ASP B 317 4.07 9.32 -20.67
N ASN B 318 2.85 9.78 -20.91
CA ASN B 318 2.33 10.98 -20.19
C ASN B 318 1.64 10.55 -18.91
N MET B 319 1.96 9.38 -18.37
CA MET B 319 1.20 8.91 -17.23
C MET B 319 2.11 8.24 -16.22
N TRP B 320 1.74 8.40 -14.95
CA TRP B 320 2.34 7.62 -13.88
C TRP B 320 1.24 7.25 -12.93
N GLY B 321 1.32 6.07 -12.31
CA GLY B 321 0.27 5.66 -11.40
C GLY B 321 0.71 4.57 -10.44
N ASP B 322 -0.10 4.36 -9.41
CA ASP B 322 0.08 3.28 -8.44
C ASP B 322 -1.31 2.93 -7.96
N LYS B 323 -1.41 1.79 -7.27
CA LYS B 323 -2.70 1.20 -6.94
C LYS B 323 -3.51 2.16 -6.07
N PHE B 324 -2.78 2.83 -5.14
CA PHE B 324 -3.35 3.78 -4.19
C PHE B 324 -2.52 5.07 -4.22
N ILE B 325 -3.18 6.21 -4.24
CA ILE B 325 -2.56 7.53 -4.31
C ILE B 325 -2.97 8.27 -3.04
N ASN B 326 -2.07 9.09 -2.51
CA ASN B 326 -2.47 10.05 -1.50
C ASN B 326 -3.25 11.18 -2.17
N GLN B 327 -4.57 11.04 -2.21
CA GLN B 327 -5.42 11.90 -2.99
C GLN B 327 -5.47 13.30 -2.38
N VAL B 328 -5.49 13.39 -1.06
CA VAL B 328 -5.62 14.67 -0.44
C VAL B 328 -4.30 15.44 -0.59
N ALA B 329 -3.16 14.76 -0.48
CA ALA B 329 -1.89 15.42 -0.73
C ALA B 329 -1.75 15.87 -2.18
N LEU B 330 -2.30 15.12 -3.13
CA LEU B 330 -2.05 15.41 -4.55
C LEU B 330 -2.96 16.51 -5.10
N LEU B 331 -4.23 16.57 -4.69
CA LEU B 331 -5.19 17.42 -5.39
C LEU B 331 -4.74 18.86 -5.48
N PRO B 332 -4.23 19.49 -4.41
CA PRO B 332 -3.66 20.85 -4.53
C PRO B 332 -2.75 21.07 -5.74
N LYS B 333 -2.00 20.05 -6.17
CA LYS B 333 -1.03 20.25 -7.24
C LYS B 333 -1.59 20.01 -8.64
N VAL B 334 -2.86 19.61 -8.79
CA VAL B 334 -3.37 19.33 -10.12
C VAL B 334 -4.19 20.50 -10.65
N ASP B 335 -4.54 20.43 -11.94
CA ASP B 335 -5.35 21.42 -12.64
C ASP B 335 -6.74 20.88 -12.94
N LEU B 336 -6.93 19.57 -12.83
CA LEU B 336 -8.17 18.93 -13.22
C LEU B 336 -8.25 17.55 -12.58
N PHE B 337 -9.47 17.10 -12.30
CA PHE B 337 -9.69 15.84 -11.64
C PHE B 337 -10.76 15.06 -12.40
N ILE B 338 -10.35 13.96 -13.05
CA ILE B 338 -11.28 13.07 -13.71
C ILE B 338 -11.69 12.00 -12.73
N THR B 339 -12.97 12.01 -12.30
CA THR B 339 -13.42 11.24 -11.16
C THR B 339 -14.63 10.40 -11.52
N HIS B 340 -15.01 9.47 -10.64
CA HIS B 340 -16.22 8.66 -10.84
C HIS B 340 -17.44 9.34 -10.24
N GLY B 341 -17.24 10.44 -9.53
CA GLY B 341 -18.33 11.22 -8.97
C GLY B 341 -18.67 10.77 -7.54
N GLY B 342 -17.77 10.02 -6.91
CA GLY B 342 -17.97 9.70 -5.51
C GLY B 342 -18.01 10.98 -4.67
N SER B 343 -18.73 10.93 -3.54
CA SER B 343 -18.97 12.14 -2.76
C SER B 343 -17.69 12.69 -2.16
N ASN B 344 -16.91 11.80 -1.55
CA ASN B 344 -15.68 12.20 -0.88
C ASN B 344 -14.71 12.83 -1.88
N SER B 345 -14.66 12.26 -3.08
CA SER B 345 -13.75 12.75 -4.09
C SER B 345 -14.24 14.12 -4.55
N LEU B 346 -15.55 14.24 -4.70
CA LEU B 346 -16.18 15.50 -5.05
C LEU B 346 -15.82 16.60 -4.04
N ILE B 347 -15.86 16.29 -2.75
CA ILE B 347 -15.67 17.29 -1.73
C ILE B 347 -14.18 17.60 -1.57
N GLU B 348 -13.32 16.57 -1.61
CA GLU B 348 -11.89 16.81 -1.59
C GLU B 348 -11.49 17.65 -2.81
N GLY B 349 -12.08 17.35 -3.97
CA GLY B 349 -11.76 18.04 -5.20
C GLY B 349 -12.10 19.53 -5.13
N LEU B 350 -13.31 19.82 -4.63
CA LEU B 350 -13.82 21.18 -4.58
C LEU B 350 -13.12 21.98 -3.50
N THR B 351 -12.86 21.31 -2.37
CA THR B 351 -12.10 21.93 -1.28
C THR B 351 -10.75 22.40 -1.80
N ALA B 352 -10.08 21.59 -2.63
CA ALA B 352 -8.78 21.94 -3.18
C ALA B 352 -8.91 22.94 -4.33
N GLY B 353 -10.12 23.12 -4.85
CA GLY B 353 -10.39 24.19 -5.79
C GLY B 353 -10.21 23.76 -7.24
N LYS B 354 -10.53 22.49 -7.53
CA LYS B 354 -10.25 21.95 -8.84
C LYS B 354 -11.54 21.60 -9.54
N PRO B 355 -11.70 21.93 -10.83
CA PRO B 355 -12.85 21.47 -11.60
C PRO B 355 -12.80 19.97 -11.88
N LEU B 356 -13.96 19.39 -12.19
CA LEU B 356 -14.15 17.96 -12.25
C LEU B 356 -14.76 17.55 -13.58
N ILE B 357 -14.27 16.43 -14.13
CA ILE B 357 -15.01 15.69 -15.14
C ILE B 357 -15.44 14.41 -14.48
N ALA B 358 -16.76 14.23 -14.31
CA ALA B 358 -17.26 13.02 -13.64
C ALA B 358 -17.76 11.99 -14.64
N ILE B 359 -17.22 10.77 -14.56
CA ILE B 359 -17.72 9.61 -15.28
C ILE B 359 -18.37 8.65 -14.29
N PRO B 360 -19.68 8.76 -14.03
CA PRO B 360 -20.33 7.99 -12.98
C PRO B 360 -20.47 6.50 -13.30
N GLN B 361 -20.30 5.69 -12.24
CA GLN B 361 -20.24 4.24 -12.34
C GLN B 361 -21.44 3.56 -11.70
N PHE B 362 -21.90 4.02 -10.51
CA PHE B 362 -23.01 3.37 -9.81
C PHE B 362 -23.61 4.25 -8.70
N GLY B 363 -24.79 3.87 -8.21
CA GLY B 363 -25.38 4.50 -7.03
C GLY B 363 -25.49 6.03 -7.14
N ASP B 364 -25.12 6.70 -6.02
CA ASP B 364 -25.23 8.15 -5.84
C ASP B 364 -24.37 8.94 -6.85
N GLN B 365 -23.38 8.28 -7.47
CA GLN B 365 -22.48 8.96 -8.39
C GLN B 365 -23.23 9.62 -9.54
N LEU B 366 -24.35 9.04 -9.99
CA LEU B 366 -25.10 9.66 -11.06
C LEU B 366 -25.64 11.04 -10.63
N ASP B 367 -26.05 11.16 -9.36
CA ASP B 367 -26.62 12.39 -8.82
C ASP B 367 -25.53 13.46 -8.69
N ASN B 368 -24.38 13.07 -8.15
CA ASN B 368 -23.25 13.98 -7.98
C ASN B 368 -22.75 14.48 -9.33
N ALA B 369 -22.69 13.58 -10.31
CA ALA B 369 -22.25 13.95 -11.63
C ALA B 369 -23.16 15.03 -12.22
N GLN B 370 -24.47 14.85 -12.04
CA GLN B 370 -25.44 15.79 -12.61
C GLN B 370 -25.39 17.11 -11.84
N ARG B 371 -25.06 17.01 -10.56
CA ARG B 371 -24.99 18.19 -9.73
C ARG B 371 -23.81 19.06 -10.13
N ILE B 372 -22.69 18.41 -10.45
CA ILE B 372 -21.49 19.09 -10.94
C ILE B 372 -21.82 19.79 -12.24
N ALA B 373 -22.57 19.14 -13.12
CA ALA B 373 -22.91 19.74 -14.41
C ALA B 373 -23.93 20.86 -14.23
N ASP B 374 -24.94 20.65 -13.37
CA ASP B 374 -26.02 21.61 -13.20
C ASP B 374 -25.49 22.95 -12.65
N LEU B 375 -24.51 22.89 -11.73
CA LEU B 375 -24.00 24.08 -11.06
C LEU B 375 -22.70 24.58 -11.72
N GLY B 376 -22.30 23.98 -12.85
CA GLY B 376 -21.18 24.47 -13.61
C GLY B 376 -19.85 24.33 -12.86
N LEU B 377 -19.63 23.14 -12.28
CA LEU B 377 -18.40 22.86 -11.57
C LEU B 377 -17.55 21.87 -12.36
N GLY B 378 -17.91 21.64 -13.63
CA GLY B 378 -17.30 20.60 -14.42
C GLY B 378 -18.29 20.00 -15.41
N VAL B 379 -17.94 18.83 -15.98
CA VAL B 379 -18.85 18.20 -16.93
C VAL B 379 -19.15 16.79 -16.44
N ARG B 380 -20.26 16.26 -16.96
CA ARG B 380 -20.64 14.87 -16.79
C ARG B 380 -20.43 14.16 -18.11
N LEU B 381 -19.75 13.03 -18.08
CA LEU B 381 -19.55 12.22 -19.27
C LEU B 381 -19.88 10.79 -18.91
N ASN B 382 -20.92 10.24 -19.53
CA ASN B 382 -21.42 8.92 -19.18
C ASN B 382 -20.69 7.84 -19.98
N LEU B 383 -20.55 6.68 -19.35
CA LEU B 383 -20.04 5.47 -19.98
C LEU B 383 -20.78 5.14 -21.27
N HIS B 384 -22.11 5.24 -21.23
CA HIS B 384 -22.93 4.79 -22.34
C HIS B 384 -22.61 5.58 -23.61
N GLU B 385 -22.36 6.89 -23.45
CA GLU B 385 -22.14 7.77 -24.59
C GLU B 385 -20.67 8.17 -24.68
N PHE B 386 -19.78 7.31 -24.18
CA PHE B 386 -18.37 7.67 -24.01
C PHE B 386 -17.61 7.44 -25.32
N SER B 387 -16.63 8.31 -25.58
CA SER B 387 -15.67 8.10 -26.65
C SER B 387 -14.40 8.87 -26.31
N GLY B 388 -13.27 8.36 -26.81
CA GLY B 388 -12.00 9.06 -26.69
C GLY B 388 -12.13 10.53 -27.06
N GLU B 389 -12.72 10.80 -28.24
CA GLU B 389 -12.81 12.15 -28.76
C GLU B 389 -13.51 13.03 -27.72
N LYS B 390 -14.50 12.49 -27.03
CA LYS B 390 -15.32 13.31 -26.16
C LYS B 390 -14.59 13.60 -24.85
N LEU B 391 -13.79 12.64 -24.37
CA LEU B 391 -13.04 12.83 -23.13
C LEU B 391 -11.94 13.87 -23.34
N LEU B 392 -11.28 13.79 -24.49
CA LEU B 392 -10.13 14.64 -24.74
C LEU B 392 -10.61 16.08 -24.90
N LYS B 393 -11.84 16.23 -25.41
CA LYS B 393 -12.45 17.53 -25.62
C LYS B 393 -12.99 18.10 -24.31
N ALA B 394 -13.50 17.23 -23.45
CA ALA B 394 -13.95 17.68 -22.15
C ALA B 394 -12.77 18.24 -21.38
N ILE B 395 -11.60 17.60 -21.49
CA ILE B 395 -10.39 18.08 -20.81
C ILE B 395 -10.08 19.51 -21.27
N GLU B 396 -10.01 19.75 -22.59
CA GLU B 396 -9.64 21.06 -23.11
C GLU B 396 -10.68 22.11 -22.71
N ASP B 397 -11.96 21.72 -22.72
CA ASP B 397 -13.07 22.62 -22.43
C ASP B 397 -13.04 23.08 -20.96
N VAL B 398 -12.86 22.14 -20.03
CA VAL B 398 -12.89 22.49 -18.62
C VAL B 398 -11.62 23.28 -18.25
N LEU B 399 -10.48 22.91 -18.81
CA LEU B 399 -9.25 23.66 -18.58
C LEU B 399 -9.39 25.13 -19.00
N ASN B 400 -10.16 25.43 -20.06
CA ASN B 400 -10.19 26.77 -20.63
C ASN B 400 -11.46 27.52 -20.28
N ASP B 401 -12.42 26.87 -19.61
CA ASP B 401 -13.69 27.48 -19.25
C ASP B 401 -13.47 28.38 -18.04
N GLU B 402 -13.44 29.70 -18.28
CA GLU B 402 -13.23 30.65 -17.20
C GLU B 402 -14.37 30.59 -16.18
N LYS B 403 -15.60 30.35 -16.66
CA LYS B 403 -16.78 30.41 -15.81
C LYS B 403 -16.74 29.26 -14.79
N ILE B 404 -16.44 28.05 -15.27
CA ILE B 404 -16.34 26.89 -14.39
C ILE B 404 -15.23 27.11 -13.38
N ASN B 405 -14.09 27.67 -13.82
CA ASN B 405 -12.95 27.82 -12.93
C ASN B 405 -13.27 28.82 -11.84
N ALA B 406 -14.16 29.79 -12.10
CA ALA B 406 -14.51 30.78 -11.09
C ALA B 406 -15.52 30.20 -10.09
N ASN B 407 -16.47 29.40 -10.58
CA ASN B 407 -17.46 28.78 -9.72
C ASN B 407 -16.77 27.88 -8.70
N VAL B 408 -15.73 27.18 -9.16
CA VAL B 408 -15.03 26.23 -8.31
C VAL B 408 -14.21 27.00 -7.26
N ALA B 409 -13.64 28.15 -7.63
CA ALA B 409 -12.90 28.96 -6.67
C ALA B 409 -13.83 29.40 -5.53
N ARG B 410 -15.04 29.86 -5.90
CA ARG B 410 -15.99 30.37 -4.92
C ARG B 410 -16.44 29.26 -3.99
N VAL B 411 -16.74 28.07 -4.54
CA VAL B 411 -17.23 26.99 -3.69
C VAL B 411 -16.14 26.60 -2.71
N SER B 412 -14.90 26.61 -3.20
CA SER B 412 -13.72 26.32 -2.40
C SER B 412 -13.60 27.27 -1.21
N GLU B 413 -13.73 28.57 -1.50
CA GLU B 413 -13.73 29.61 -0.48
C GLU B 413 -14.78 29.33 0.60
N GLU B 414 -16.00 28.96 0.20
CA GLU B 414 -17.05 28.73 1.17
C GLU B 414 -16.71 27.52 2.04
N LEU B 415 -16.16 26.47 1.43
CA LEU B 415 -15.89 25.25 2.18
C LEU B 415 -14.79 25.49 3.22
N LYS B 416 -13.81 26.31 2.87
CA LYS B 416 -12.66 26.49 3.74
C LYS B 416 -13.03 27.34 4.95
N LYS B 417 -14.16 28.04 4.92
CA LYS B 417 -14.54 28.93 6.01
C LYS B 417 -15.84 28.52 6.70
N SER B 418 -16.42 27.38 6.32
CA SER B 418 -17.71 26.94 6.83
C SER B 418 -17.73 26.76 8.36
N ASP B 419 -18.84 27.12 8.98
CA ASP B 419 -19.05 27.01 10.43
C ASP B 419 -19.88 25.77 10.75
N SER B 420 -20.37 25.07 9.72
CA SER B 420 -21.33 23.99 9.93
C SER B 420 -20.85 23.03 11.00
N LYS B 421 -19.53 22.88 11.15
CA LYS B 421 -18.93 21.98 12.13
C LYS B 421 -19.44 22.29 13.55
N ASP B 422 -19.50 23.57 13.90
CA ASP B 422 -19.65 23.96 15.28
C ASP B 422 -21.02 23.52 15.80
N LYS B 423 -22.06 23.76 14.99
CA LYS B 423 -23.44 23.44 15.34
C LYS B 423 -23.62 21.92 15.48
N VAL B 424 -23.05 21.17 14.52
CA VAL B 424 -23.16 19.71 14.47
C VAL B 424 -22.54 19.09 15.72
N ILE B 425 -21.33 19.54 16.09
CA ILE B 425 -20.65 19.00 17.26
C ILE B 425 -21.54 19.10 18.50
N SER B 426 -22.10 20.30 18.73
CA SER B 426 -22.89 20.54 19.92
C SER B 426 -24.08 19.58 19.97
N LEU B 427 -24.74 19.36 18.83
CA LEU B 427 -25.89 18.46 18.74
C LEU B 427 -25.47 17.04 19.14
N ILE B 428 -24.29 16.60 18.69
CA ILE B 428 -23.79 15.28 19.06
C ILE B 428 -23.54 15.22 20.56
N GLU B 429 -22.84 16.21 21.11
CA GLU B 429 -22.56 16.24 22.54
C GLU B 429 -23.86 16.24 23.32
N LYS B 430 -24.78 17.15 22.97
CA LYS B 430 -26.05 17.32 23.67
C LYS B 430 -26.80 15.98 23.70
N LEU B 431 -26.94 15.34 22.53
CA LEU B 431 -27.69 14.08 22.42
C LEU B 431 -27.03 12.99 23.26
N ALA B 432 -25.70 13.01 23.32
CA ALA B 432 -24.94 12.00 24.03
C ALA B 432 -25.20 12.10 25.53
N ARG B 433 -25.24 13.33 26.06
CA ARG B 433 -25.37 13.59 27.49
C ARG B 433 -26.82 13.48 27.95
N ASP B 434 -27.72 14.21 27.28
CA ASP B 434 -29.11 14.26 27.64
C ASP B 434 -29.87 12.99 27.22
N LYS B 435 -29.32 12.27 26.23
CA LYS B 435 -30.03 11.19 25.53
C LYS B 435 -31.23 11.76 24.77
N LYS B 436 -31.36 13.09 24.72
CA LYS B 436 -32.60 13.76 24.34
C LYS B 436 -32.27 14.92 23.41
N LEU B 437 -33.25 15.24 22.56
CA LEU B 437 -33.09 15.87 21.25
C LEU B 437 -33.77 14.93 20.23
#